data_2A2V
#
_entry.id   2A2V
#
_entity_poly.entity_id   1
_entity_poly.type   'polypeptide(L)'
_entity_poly.pdbx_seq_one_letter_code
;ECRKMFGGCSVDSDCCAHLGCKPTLKYCAWDGTF
;
_entity_poly.pdbx_strand_id   A
#
# COMPACT_ATOMS: atom_id res chain seq x y z
N GLU A 1 13.46 -0.22 2.81
CA GLU A 1 12.51 -0.81 3.80
C GLU A 1 11.09 -0.30 3.53
N CYS A 2 10.55 -0.59 2.37
CA CYS A 2 9.17 -0.13 2.04
C CYS A 2 8.14 -1.18 2.46
N ARG A 3 6.88 -0.95 2.18
CA ARG A 3 5.82 -1.93 2.58
C ARG A 3 5.33 -2.71 1.35
N LYS A 4 4.73 -3.85 1.56
CA LYS A 4 4.22 -4.67 0.41
C LYS A 4 2.76 -5.05 0.64
N MET A 5 2.25 -5.97 -0.15
CA MET A 5 0.82 -6.39 0.01
C MET A 5 0.55 -6.83 1.46
N PHE A 6 -0.55 -6.39 2.03
CA PHE A 6 -0.88 -6.76 3.45
C PHE A 6 0.26 -6.37 4.38
N GLY A 7 0.85 -5.22 4.17
CA GLY A 7 1.98 -4.77 5.06
C GLY A 7 1.45 -3.89 6.18
N GLY A 8 0.49 -3.03 5.90
CA GLY A 8 -0.06 -2.14 6.96
C GLY A 8 0.56 -0.75 6.82
N CYS A 9 -0.25 0.26 6.65
CA CYS A 9 0.28 1.64 6.50
C CYS A 9 -0.77 2.68 6.92
N SER A 10 -0.51 3.94 6.65
CA SER A 10 -1.49 5.01 7.01
C SER A 10 -1.70 5.97 5.85
N VAL A 11 -0.63 6.43 5.23
CA VAL A 11 -0.76 7.38 4.08
C VAL A 11 -0.37 6.66 2.77
N ASP A 12 -0.83 7.18 1.65
CA ASP A 12 -0.51 6.53 0.34
C ASP A 12 1.01 6.41 0.15
N SER A 13 1.76 7.37 0.64
CA SER A 13 3.24 7.32 0.49
C SER A 13 3.88 6.50 1.64
N ASP A 14 3.35 5.34 1.90
CA ASP A 14 3.92 4.48 3.00
C ASP A 14 4.16 3.05 2.49
N CYS A 15 4.17 2.84 1.19
CA CYS A 15 4.39 1.48 0.63
C CYS A 15 5.38 1.54 -0.53
N CYS A 16 5.78 0.40 -1.04
CA CYS A 16 6.74 0.37 -2.20
C CYS A 16 6.02 0.79 -3.48
N ALA A 17 6.68 0.71 -4.60
CA ALA A 17 6.03 1.10 -5.88
C ALA A 17 4.87 0.15 -6.19
N HIS A 18 3.94 0.58 -7.01
CA HIS A 18 2.76 -0.27 -7.37
C HIS A 18 1.91 -0.60 -6.13
N LEU A 19 1.96 0.23 -5.12
CA LEU A 19 1.16 -0.03 -3.89
C LEU A 19 0.42 1.25 -3.46
N GLY A 20 -0.68 1.12 -2.77
CA GLY A 20 -1.44 2.31 -2.32
C GLY A 20 -2.14 2.02 -1.00
N CYS A 21 -1.83 2.78 0.04
CA CYS A 21 -2.48 2.55 1.35
C CYS A 21 -4.00 2.77 1.24
N LYS A 22 -4.77 1.76 1.50
CA LYS A 22 -6.26 1.89 1.39
C LYS A 22 -6.78 2.97 2.35
N PRO A 23 -7.60 3.85 1.82
CA PRO A 23 -8.18 4.95 2.64
C PRO A 23 -9.21 4.39 3.63
N THR A 24 -10.11 3.54 3.17
CA THR A 24 -11.12 2.95 4.09
C THR A 24 -10.46 1.91 5.00
N LEU A 25 -9.49 1.20 4.48
CA LEU A 25 -8.77 0.17 5.30
C LEU A 25 -7.43 0.74 5.81
N LYS A 26 -6.43 -0.09 6.00
CA LYS A 26 -5.12 0.42 6.50
C LYS A 26 -3.97 -0.48 6.04
N TYR A 27 -3.89 -0.75 4.77
CA TYR A 27 -2.78 -1.61 4.25
C TYR A 27 -2.45 -1.23 2.79
N CYS A 28 -1.29 -1.59 2.32
CA CYS A 28 -0.91 -1.24 0.92
C CYS A 28 -1.58 -2.21 -0.07
N ALA A 29 -2.51 -1.72 -0.85
CA ALA A 29 -3.20 -2.60 -1.84
C ALA A 29 -2.47 -2.53 -3.19
N TRP A 30 -1.71 -3.54 -3.52
CA TRP A 30 -0.98 -3.52 -4.82
C TRP A 30 -1.97 -3.43 -5.99
N ASP A 31 -1.79 -2.49 -6.87
CA ASP A 31 -2.72 -2.33 -8.02
C ASP A 31 -1.94 -1.97 -9.29
N GLY A 32 -1.03 -2.82 -9.71
CA GLY A 32 -0.24 -2.54 -10.94
C GLY A 32 -1.11 -2.79 -12.18
N THR A 33 -1.66 -3.97 -12.30
CA THR A 33 -2.53 -4.29 -13.47
C THR A 33 -4.00 -4.02 -13.12
N PHE A 34 -4.66 -4.97 -12.48
CA PHE A 34 -6.09 -4.79 -12.09
C PHE A 34 -6.92 -4.23 -13.26
N GLU A 1 13.24 0.35 2.71
CA GLU A 1 12.37 -0.74 3.28
C GLU A 1 10.89 -0.37 3.17
N CYS A 2 10.39 -0.27 1.96
CA CYS A 2 8.94 0.09 1.76
C CYS A 2 8.04 -1.09 2.15
N ARG A 3 6.74 -0.90 2.12
CA ARG A 3 5.80 -1.99 2.49
C ARG A 3 5.29 -2.72 1.24
N LYS A 4 5.22 -4.02 1.29
CA LYS A 4 4.73 -4.79 0.10
C LYS A 4 3.21 -4.92 0.13
N MET A 5 2.66 -5.75 -0.71
CA MET A 5 1.17 -5.93 -0.78
C MET A 5 0.64 -6.49 0.55
N PHE A 6 -0.42 -5.91 1.06
CA PHE A 6 -1.03 -6.38 2.35
C PHE A 6 0.04 -6.52 3.45
N GLY A 7 0.85 -5.51 3.63
CA GLY A 7 1.90 -5.57 4.69
C GLY A 7 1.57 -4.57 5.81
N GLY A 8 0.91 -3.49 5.49
CA GLY A 8 0.55 -2.47 6.52
C GLY A 8 0.81 -1.07 5.95
N CYS A 9 -0.12 -0.17 6.10
CA CYS A 9 0.09 1.21 5.56
C CYS A 9 -0.47 2.27 6.51
N SER A 10 -0.21 3.53 6.20
CA SER A 10 -0.70 4.64 7.06
C SER A 10 -0.93 5.88 6.17
N VAL A 11 0.05 6.21 5.36
CA VAL A 11 -0.09 7.39 4.45
C VAL A 11 -0.01 6.92 2.99
N ASP A 12 -0.38 7.76 2.06
CA ASP A 12 -0.33 7.36 0.62
C ASP A 12 1.08 6.89 0.22
N SER A 13 2.08 7.64 0.58
CA SER A 13 3.49 7.25 0.24
C SER A 13 4.09 6.40 1.37
N ASP A 14 3.48 5.30 1.71
CA ASP A 14 4.02 4.44 2.81
C ASP A 14 4.14 2.98 2.34
N CYS A 15 4.31 2.75 1.06
CA CYS A 15 4.44 1.35 0.55
C CYS A 15 5.43 1.28 -0.62
N CYS A 16 5.64 0.11 -1.17
CA CYS A 16 6.59 -0.04 -2.31
C CYS A 16 5.94 0.48 -3.60
N ALA A 17 6.54 0.19 -4.74
CA ALA A 17 5.97 0.66 -6.03
C ALA A 17 4.64 -0.04 -6.34
N HIS A 18 3.78 0.63 -7.07
CA HIS A 18 2.44 0.04 -7.43
C HIS A 18 1.63 -0.30 -6.18
N LEU A 19 1.86 0.40 -5.09
CA LEU A 19 1.09 0.12 -3.84
C LEU A 19 0.50 1.42 -3.30
N GLY A 20 -0.73 1.38 -2.84
CA GLY A 20 -1.37 2.62 -2.29
C GLY A 20 -2.02 2.32 -0.95
N CYS A 21 -2.04 3.28 -0.06
CA CYS A 21 -2.66 3.07 1.29
C CYS A 21 -4.17 2.87 1.13
N LYS A 22 -4.68 1.76 1.61
CA LYS A 22 -6.15 1.50 1.49
C LYS A 22 -6.95 2.49 2.34
N PRO A 23 -7.89 3.17 1.69
CA PRO A 23 -8.74 4.17 2.40
C PRO A 23 -9.73 3.45 3.34
N THR A 24 -10.34 2.39 2.88
CA THR A 24 -11.32 1.65 3.72
C THR A 24 -10.61 1.00 4.92
N LEU A 25 -9.49 0.36 4.69
CA LEU A 25 -8.74 -0.28 5.81
C LEU A 25 -7.44 0.51 6.08
N LYS A 26 -6.31 -0.15 6.14
CA LYS A 26 -5.03 0.57 6.40
C LYS A 26 -3.83 -0.28 5.97
N TYR A 27 -3.82 -0.73 4.74
CA TYR A 27 -2.67 -1.56 4.25
C TYR A 27 -2.33 -1.17 2.81
N CYS A 28 -1.21 -1.62 2.31
CA CYS A 28 -0.81 -1.26 0.92
C CYS A 28 -1.52 -2.18 -0.09
N ALA A 29 -2.28 -1.61 -0.97
CA ALA A 29 -3.00 -2.44 -1.99
C ALA A 29 -2.28 -2.33 -3.35
N TRP A 30 -1.74 -3.43 -3.83
CA TRP A 30 -1.02 -3.40 -5.14
C TRP A 30 -1.98 -2.97 -6.26
N ASP A 31 -1.71 -1.85 -6.89
CA ASP A 31 -2.59 -1.39 -8.00
C ASP A 31 -1.77 -1.16 -9.27
N GLY A 32 -0.89 -2.07 -9.57
CA GLY A 32 -0.04 -1.95 -10.80
C GLY A 32 -0.59 -2.89 -11.88
N THR A 33 -0.84 -4.12 -11.53
CA THR A 33 -1.38 -5.10 -12.51
C THR A 33 -2.80 -4.74 -12.94
N PHE A 34 -3.57 -4.14 -12.06
CA PHE A 34 -4.97 -3.75 -12.42
C PHE A 34 -4.97 -2.80 -13.62
N GLU A 1 13.47 -1.37 2.56
CA GLU A 1 12.46 -1.88 3.54
C GLU A 1 11.10 -1.18 3.33
N CYS A 2 10.55 -1.28 2.15
CA CYS A 2 9.23 -0.62 1.87
C CYS A 2 8.08 -1.53 2.31
N ARG A 3 6.87 -1.03 2.27
CA ARG A 3 5.70 -1.86 2.69
C ARG A 3 5.06 -2.54 1.47
N LYS A 4 4.97 -3.85 1.48
CA LYS A 4 4.35 -4.57 0.33
C LYS A 4 2.89 -4.87 0.61
N MET A 5 2.27 -5.69 -0.20
CA MET A 5 0.83 -6.03 0.00
C MET A 5 0.60 -6.57 1.42
N PHE A 6 -0.49 -6.20 2.05
CA PHE A 6 -0.80 -6.67 3.44
C PHE A 6 0.38 -6.37 4.38
N GLY A 7 0.90 -5.16 4.33
CA GLY A 7 2.05 -4.79 5.22
C GLY A 7 1.56 -3.85 6.33
N GLY A 8 0.70 -2.92 6.01
CA GLY A 8 0.19 -1.97 7.03
C GLY A 8 0.79 -0.59 6.76
N CYS A 9 -0.04 0.37 6.41
CA CYS A 9 0.47 1.74 6.12
C CYS A 9 -0.41 2.80 6.79
N SER A 10 -0.14 4.05 6.51
CA SER A 10 -0.95 5.16 7.09
C SER A 10 -1.30 6.16 5.99
N VAL A 11 -0.30 6.70 5.33
CA VAL A 11 -0.56 7.67 4.23
C VAL A 11 -0.45 6.96 2.88
N ASP A 12 -0.94 7.54 1.83
CA ASP A 12 -0.87 6.89 0.49
C ASP A 12 0.59 6.62 0.11
N SER A 13 1.48 7.54 0.42
CA SER A 13 2.92 7.35 0.08
C SER A 13 3.67 6.66 1.22
N ASP A 14 3.17 5.54 1.69
CA ASP A 14 3.87 4.81 2.80
C ASP A 14 4.03 3.32 2.44
N CYS A 15 4.12 3.01 1.17
CA CYS A 15 4.28 1.58 0.76
C CYS A 15 5.30 1.49 -0.39
N CYS A 16 5.49 0.31 -0.93
CA CYS A 16 6.45 0.14 -2.06
C CYS A 16 5.81 0.62 -3.37
N ALA A 17 6.48 0.44 -4.48
CA ALA A 17 5.91 0.88 -5.78
C ALA A 17 4.63 0.09 -6.10
N HIS A 18 3.70 0.72 -6.79
CA HIS A 18 2.41 0.04 -7.17
C HIS A 18 1.60 -0.35 -5.92
N LEU A 19 1.83 0.30 -4.80
CA LEU A 19 1.07 -0.03 -3.56
C LEU A 19 0.44 1.23 -2.98
N GLY A 20 -0.88 1.30 -2.97
CA GLY A 20 -1.55 2.50 -2.41
C GLY A 20 -2.17 2.15 -1.05
N CYS A 21 -1.95 2.98 -0.05
CA CYS A 21 -2.52 2.70 1.29
C CYS A 21 -4.05 2.75 1.25
N LYS A 22 -4.70 1.71 1.69
CA LYS A 22 -6.19 1.68 1.66
C LYS A 22 -6.77 2.59 2.76
N PRO A 23 -7.57 3.56 2.34
CA PRO A 23 -8.21 4.50 3.29
C PRO A 23 -9.29 3.78 4.13
N THR A 24 -10.01 2.87 3.52
CA THR A 24 -11.08 2.13 4.28
C THR A 24 -10.42 1.29 5.39
N LEU A 25 -9.36 0.59 5.07
CA LEU A 25 -8.66 -0.24 6.09
C LEU A 25 -7.33 0.43 6.47
N LYS A 26 -6.22 -0.27 6.39
CA LYS A 26 -4.91 0.35 6.74
C LYS A 26 -3.75 -0.53 6.25
N TYR A 27 -3.76 -0.88 4.99
CA TYR A 27 -2.67 -1.74 4.43
C TYR A 27 -2.37 -1.33 2.99
N CYS A 28 -1.20 -1.65 2.50
CA CYS A 28 -0.84 -1.29 1.09
C CYS A 28 -1.55 -2.21 0.10
N ALA A 29 -2.15 -1.65 -0.92
CA ALA A 29 -2.86 -2.49 -1.92
C ALA A 29 -2.06 -2.55 -3.23
N TRP A 30 -1.61 -3.73 -3.62
CA TRP A 30 -0.83 -3.85 -4.89
C TRP A 30 -1.77 -3.76 -6.09
N ASP A 31 -1.59 -2.78 -6.94
CA ASP A 31 -2.46 -2.63 -8.15
C ASP A 31 -1.62 -2.23 -9.36
N GLY A 32 -0.52 -2.90 -9.57
CA GLY A 32 0.35 -2.57 -10.74
C GLY A 32 0.32 -3.74 -11.74
N THR A 33 -0.82 -4.36 -11.92
CA THR A 33 -0.90 -5.51 -12.87
C THR A 33 -2.05 -5.31 -13.88
N PHE A 34 -2.85 -4.27 -13.74
CA PHE A 34 -3.97 -4.04 -14.70
C PHE A 34 -4.28 -2.54 -14.83
N GLU A 1 12.52 -2.63 4.13
CA GLU A 1 12.29 -2.08 2.75
C GLU A 1 10.88 -1.51 2.63
N CYS A 2 10.47 -1.14 1.44
CA CYS A 2 9.11 -0.57 1.25
C CYS A 2 8.03 -1.60 1.66
N ARG A 3 6.85 -1.13 1.98
CA ARG A 3 5.76 -2.07 2.40
C ARG A 3 5.27 -2.89 1.19
N LYS A 4 5.12 -4.17 1.36
CA LYS A 4 4.63 -5.03 0.25
C LYS A 4 3.10 -5.17 0.30
N MET A 5 2.53 -6.03 -0.50
CA MET A 5 1.05 -6.22 -0.48
C MET A 5 0.58 -6.72 0.89
N PHE A 6 -0.53 -6.21 1.37
CA PHE A 6 -1.06 -6.64 2.71
C PHE A 6 0.02 -6.50 3.79
N GLY A 7 0.73 -5.40 3.80
CA GLY A 7 1.79 -5.18 4.82
C GLY A 7 1.31 -4.20 5.90
N GLY A 8 0.29 -3.41 5.61
CA GLY A 8 -0.21 -2.44 6.62
C GLY A 8 0.41 -1.07 6.36
N CYS A 9 -0.39 -0.05 6.21
CA CYS A 9 0.16 1.33 5.94
C CYS A 9 -0.74 2.41 6.57
N SER A 10 -0.40 3.65 6.35
CA SER A 10 -1.22 4.77 6.92
C SER A 10 -1.45 5.85 5.85
N VAL A 11 -0.40 6.26 5.18
CA VAL A 11 -0.56 7.31 4.12
C VAL A 11 -0.11 6.76 2.77
N ASP A 12 -0.37 7.47 1.70
CA ASP A 12 0.02 6.98 0.34
C ASP A 12 1.55 6.78 0.27
N SER A 13 2.30 7.57 0.99
CA SER A 13 3.79 7.43 0.96
C SER A 13 4.25 6.45 2.06
N ASP A 14 3.57 5.35 2.23
CA ASP A 14 3.97 4.37 3.28
C ASP A 14 4.23 2.98 2.67
N CYS A 15 4.27 2.88 1.35
CA CYS A 15 4.51 1.56 0.71
C CYS A 15 5.46 1.72 -0.50
N CYS A 16 5.62 0.69 -1.29
CA CYS A 16 6.52 0.78 -2.48
C CYS A 16 5.90 1.70 -3.55
N ALA A 17 6.62 1.93 -4.63
CA ALA A 17 6.08 2.82 -5.71
C ALA A 17 5.00 2.08 -6.53
N HIS A 18 3.90 1.73 -5.90
CA HIS A 18 2.80 1.01 -6.63
C HIS A 18 1.66 0.63 -5.67
N LEU A 19 1.93 0.52 -4.39
CA LEU A 19 0.88 0.13 -3.41
C LEU A 19 0.12 1.37 -2.90
N GLY A 20 -1.19 1.33 -2.94
CA GLY A 20 -2.00 2.49 -2.45
C GLY A 20 -2.62 2.15 -1.10
N CYS A 21 -2.40 2.98 -0.11
CA CYS A 21 -2.98 2.70 1.24
C CYS A 21 -4.49 2.93 1.26
N LYS A 22 -5.21 2.16 2.05
CA LYS A 22 -6.69 2.31 2.12
C LYS A 22 -7.09 3.23 3.30
N PRO A 23 -7.93 4.20 3.00
CA PRO A 23 -8.40 5.14 4.06
C PRO A 23 -9.37 4.42 5.02
N THR A 24 -10.36 3.74 4.49
CA THR A 24 -11.33 3.01 5.36
C THR A 24 -10.62 1.86 6.08
N LEU A 25 -9.76 1.17 5.38
CA LEU A 25 -9.01 0.03 6.00
C LEU A 25 -7.62 0.51 6.44
N LYS A 26 -6.64 -0.37 6.50
CA LYS A 26 -5.27 0.04 6.93
C LYS A 26 -4.21 -0.85 6.25
N TYR A 27 -4.30 -1.00 4.96
CA TYR A 27 -3.30 -1.84 4.23
C TYR A 27 -3.13 -1.33 2.80
N CYS A 28 -1.98 -1.52 2.22
CA CYS A 28 -1.75 -1.04 0.83
C CYS A 28 -2.26 -2.07 -0.18
N ALA A 29 -2.72 -1.62 -1.31
CA ALA A 29 -3.23 -2.56 -2.35
C ALA A 29 -2.40 -2.44 -3.62
N TRP A 30 -1.64 -3.46 -3.97
CA TRP A 30 -0.80 -3.39 -5.20
C TRP A 30 -1.68 -3.34 -6.44
N ASP A 31 -1.54 -2.31 -7.23
CA ASP A 31 -2.36 -2.19 -8.48
C ASP A 31 -1.47 -1.79 -9.65
N GLY A 32 -0.58 -2.68 -10.06
CA GLY A 32 0.32 -2.37 -11.19
C GLY A 32 -0.02 -3.25 -12.39
N THR A 33 0.00 -4.54 -12.20
CA THR A 33 -0.35 -5.47 -13.32
C THR A 33 -1.86 -5.56 -13.49
N PHE A 34 -2.58 -5.52 -12.39
CA PHE A 34 -4.07 -5.59 -12.46
C PHE A 34 -4.71 -4.49 -11.59
N GLU A 1 12.30 -2.11 4.75
CA GLU A 1 12.07 -1.43 3.44
C GLU A 1 10.61 -0.95 3.33
N CYS A 2 10.21 -0.48 2.18
CA CYS A 2 8.80 0.01 2.01
C CYS A 2 7.80 -1.13 2.25
N ARG A 3 6.56 -0.79 2.55
CA ARG A 3 5.53 -1.84 2.80
C ARG A 3 4.94 -2.38 1.49
N LYS A 4 4.70 -3.67 1.41
CA LYS A 4 4.14 -4.27 0.17
C LYS A 4 2.67 -4.69 0.39
N MET A 5 2.17 -5.56 -0.45
CA MET A 5 0.75 -6.02 -0.32
C MET A 5 0.45 -6.45 1.12
N PHE A 6 -0.64 -5.95 1.68
CA PHE A 6 -1.02 -6.31 3.08
C PHE A 6 0.15 -6.05 4.04
N GLY A 7 0.88 -4.98 3.84
CA GLY A 7 2.03 -4.68 4.75
C GLY A 7 1.55 -3.88 5.96
N GLY A 8 0.62 -2.97 5.75
CA GLY A 8 0.10 -2.15 6.89
C GLY A 8 0.62 -0.72 6.77
N CYS A 9 -0.27 0.22 6.60
CA CYS A 9 0.16 1.65 6.46
C CYS A 9 -0.97 2.61 6.86
N SER A 10 -0.75 3.89 6.68
CA SER A 10 -1.79 4.90 7.02
C SER A 10 -1.92 5.93 5.89
N VAL A 11 -0.80 6.41 5.38
CA VAL A 11 -0.84 7.41 4.27
C VAL A 11 -0.27 6.81 2.98
N ASP A 12 -0.56 7.41 1.85
CA ASP A 12 -0.04 6.88 0.54
C ASP A 12 1.48 6.74 0.57
N SER A 13 2.16 7.58 1.30
CA SER A 13 3.66 7.48 1.36
C SER A 13 4.08 6.51 2.46
N ASP A 14 3.64 5.27 2.36
CA ASP A 14 4.01 4.25 3.38
C ASP A 14 4.13 2.86 2.74
N CYS A 15 4.26 2.79 1.43
CA CYS A 15 4.38 1.46 0.76
C CYS A 15 5.40 1.54 -0.40
N CYS A 16 5.53 0.48 -1.16
CA CYS A 16 6.50 0.49 -2.31
C CYS A 16 5.82 1.07 -3.56
N ALA A 17 6.45 0.96 -4.69
CA ALA A 17 5.85 1.48 -5.95
C ALA A 17 4.59 0.69 -6.31
N HIS A 18 3.63 1.33 -6.94
CA HIS A 18 2.36 0.65 -7.34
C HIS A 18 1.56 0.18 -6.10
N LEU A 19 1.85 0.71 -4.94
CA LEU A 19 1.09 0.29 -3.72
C LEU A 19 0.45 1.50 -3.06
N GLY A 20 -0.85 1.57 -3.06
CA GLY A 20 -1.56 2.74 -2.43
C GLY A 20 -2.23 2.29 -1.13
N CYS A 21 -1.94 2.99 -0.05
CA CYS A 21 -2.57 2.62 1.26
C CYS A 21 -4.08 2.82 1.20
N LYS A 22 -4.84 1.88 1.70
CA LYS A 22 -6.33 2.01 1.65
C LYS A 22 -6.81 3.10 2.63
N PRO A 23 -7.65 3.97 2.13
CA PRO A 23 -8.20 5.08 2.97
C PRO A 23 -9.17 4.52 4.03
N THR A 24 -9.98 3.56 3.66
CA THR A 24 -10.94 2.97 4.65
C THR A 24 -10.19 2.07 5.63
N LEU A 25 -9.44 1.12 5.12
CA LEU A 25 -8.67 0.20 6.01
C LEU A 25 -7.28 0.78 6.30
N LYS A 26 -6.25 -0.03 6.38
CA LYS A 26 -4.90 0.50 6.68
C LYS A 26 -3.82 -0.44 6.12
N TYR A 27 -3.87 -0.74 4.85
CA TYR A 27 -2.84 -1.64 4.25
C TYR A 27 -2.57 -1.24 2.78
N CYS A 28 -1.38 -1.52 2.30
CA CYS A 28 -1.04 -1.14 0.89
C CYS A 28 -1.69 -2.10 -0.11
N ALA A 29 -2.05 -1.59 -1.27
CA ALA A 29 -2.68 -2.47 -2.31
C ALA A 29 -1.87 -2.42 -3.60
N TRP A 30 -1.18 -3.49 -3.92
CA TRP A 30 -0.37 -3.52 -5.17
C TRP A 30 -1.31 -3.60 -6.39
N ASP A 31 -1.31 -2.57 -7.21
CA ASP A 31 -2.19 -2.59 -8.42
C ASP A 31 -1.35 -2.45 -9.69
N GLY A 32 -0.28 -3.21 -9.77
CA GLY A 32 0.60 -3.15 -10.98
C GLY A 32 0.18 -4.24 -11.97
N THR A 33 -0.10 -5.42 -11.48
CA THR A 33 -0.53 -6.53 -12.38
C THR A 33 -1.89 -6.22 -13.03
N PHE A 34 -2.71 -5.44 -12.36
CA PHE A 34 -4.05 -5.10 -12.92
C PHE A 34 -3.89 -4.39 -14.28
N GLU A 1 13.02 -1.00 4.77
CA GLU A 1 12.27 -1.68 3.67
C GLU A 1 10.83 -1.16 3.59
N CYS A 2 10.31 -1.04 2.40
CA CYS A 2 8.91 -0.53 2.23
C CYS A 2 7.88 -1.62 2.60
N ARG A 3 6.63 -1.26 2.70
CA ARG A 3 5.58 -2.25 3.06
C ARG A 3 4.92 -2.83 1.81
N LYS A 4 4.72 -4.13 1.77
CA LYS A 4 4.09 -4.78 0.59
C LYS A 4 2.59 -5.03 0.84
N MET A 5 1.95 -5.83 0.03
CA MET A 5 0.50 -6.12 0.21
C MET A 5 0.23 -6.63 1.64
N PHE A 6 -0.87 -6.22 2.21
CA PHE A 6 -1.23 -6.65 3.61
C PHE A 6 -0.08 -6.32 4.58
N GLY A 7 0.49 -5.15 4.46
CA GLY A 7 1.61 -4.76 5.37
C GLY A 7 1.11 -3.76 6.42
N GLY A 8 0.17 -2.92 6.07
CA GLY A 8 -0.35 -1.93 7.05
C GLY A 8 0.26 -0.56 6.75
N CYS A 9 -0.56 0.41 6.41
CA CYS A 9 -0.03 1.77 6.10
C CYS A 9 -1.09 2.85 6.34
N SER A 10 -0.66 4.07 6.50
CA SER A 10 -1.61 5.20 6.73
C SER A 10 -1.61 6.14 5.51
N VAL A 11 -0.46 6.66 5.15
CA VAL A 11 -0.39 7.57 3.96
C VAL A 11 0.15 6.79 2.76
N ASP A 12 -0.37 7.06 1.59
CA ASP A 12 0.08 6.32 0.36
C ASP A 12 1.62 6.25 0.25
N SER A 13 2.33 7.17 0.85
CA SER A 13 3.82 7.14 0.77
C SER A 13 4.41 6.30 1.93
N ASP A 14 3.99 5.08 2.05
CA ASP A 14 4.53 4.20 3.14
C ASP A 14 4.56 2.73 2.68
N CYS A 15 4.52 2.49 1.39
CA CYS A 15 4.57 1.08 0.88
C CYS A 15 5.54 0.98 -0.29
N CYS A 16 5.74 -0.21 -0.81
CA CYS A 16 6.68 -0.37 -1.97
C CYS A 16 6.05 0.22 -3.24
N ALA A 17 6.73 0.13 -4.35
CA ALA A 17 6.19 0.69 -5.62
C ALA A 17 4.86 0.01 -6.00
N HIS A 18 3.99 0.74 -6.67
CA HIS A 18 2.67 0.18 -7.11
C HIS A 18 1.80 -0.25 -5.92
N LEU A 19 1.96 0.39 -4.78
CA LEU A 19 1.13 0.04 -3.59
C LEU A 19 0.45 1.29 -3.03
N GLY A 20 -0.86 1.31 -3.01
CA GLY A 20 -1.59 2.49 -2.49
C GLY A 20 -2.16 2.18 -1.09
N CYS A 21 -1.82 2.97 -0.11
CA CYS A 21 -2.33 2.73 1.27
C CYS A 21 -3.85 2.99 1.32
N LYS A 22 -4.62 1.95 1.41
CA LYS A 22 -6.10 2.11 1.46
C LYS A 22 -6.53 2.81 2.76
N PRO A 23 -7.41 3.78 2.62
CA PRO A 23 -7.91 4.53 3.81
C PRO A 23 -8.95 3.71 4.60
N THR A 24 -9.55 2.72 3.97
CA THR A 24 -10.56 1.88 4.68
C THR A 24 -9.89 0.85 5.58
N LEU A 25 -9.10 -0.03 5.00
CA LEU A 25 -8.40 -1.07 5.83
C LEU A 25 -7.04 -0.58 6.32
N LYS A 26 -6.53 0.50 5.74
CA LYS A 26 -5.20 1.05 6.17
C LYS A 26 -4.08 0.06 5.84
N TYR A 27 -4.00 -0.35 4.60
CA TYR A 27 -2.93 -1.31 4.19
C TYR A 27 -2.48 -1.03 2.74
N CYS A 28 -1.32 -1.49 2.36
CA CYS A 28 -0.84 -1.24 0.97
C CYS A 28 -1.58 -2.16 -0.01
N ALA A 29 -2.26 -1.60 -0.97
CA ALA A 29 -3.00 -2.44 -1.96
C ALA A 29 -2.33 -2.35 -3.33
N TRP A 30 -1.78 -3.44 -3.81
CA TRP A 30 -1.12 -3.41 -5.14
C TRP A 30 -2.16 -3.31 -6.26
N ASP A 31 -2.33 -2.14 -6.83
CA ASP A 31 -3.33 -1.98 -7.92
C ASP A 31 -2.66 -1.34 -9.15
N GLY A 32 -1.66 -1.98 -9.68
CA GLY A 32 -0.97 -1.43 -10.89
C GLY A 32 -1.69 -1.89 -12.15
N THR A 33 -1.77 -3.18 -12.37
CA THR A 33 -2.47 -3.71 -13.57
C THR A 33 -3.97 -3.85 -13.29
N PHE A 34 -4.32 -4.29 -12.10
CA PHE A 34 -5.76 -4.47 -11.75
C PHE A 34 -6.07 -3.80 -10.40
N GLU A 1 13.15 0.47 2.93
CA GLU A 1 12.26 -0.55 3.56
C GLU A 1 10.79 -0.14 3.42
N CYS A 2 10.21 -0.40 2.27
CA CYS A 2 8.77 -0.02 2.06
C CYS A 2 7.84 -1.18 2.45
N ARG A 3 6.57 -0.90 2.58
CA ARG A 3 5.59 -1.96 2.97
C ARG A 3 5.00 -2.63 1.73
N LYS A 4 4.74 -3.91 1.80
CA LYS A 4 4.15 -4.64 0.62
C LYS A 4 2.69 -5.01 0.89
N MET A 5 2.13 -5.86 0.07
CA MET A 5 0.70 -6.28 0.25
C MET A 5 0.44 -6.75 1.69
N PHE A 6 -0.69 -6.38 2.25
CA PHE A 6 -1.03 -6.78 3.66
C PHE A 6 0.10 -6.42 4.62
N GLY A 7 0.61 -5.21 4.54
CA GLY A 7 1.73 -4.80 5.45
C GLY A 7 1.32 -3.57 6.26
N GLY A 8 0.06 -3.18 6.25
CA GLY A 8 -0.38 -1.99 7.01
C GLY A 8 0.04 -0.71 6.28
N CYS A 9 -0.73 0.34 6.38
CA CYS A 9 -0.36 1.60 5.68
C CYS A 9 -0.98 2.82 6.40
N SER A 10 -0.60 4.00 5.99
CA SER A 10 -1.14 5.25 6.62
C SER A 10 -1.24 6.35 5.56
N VAL A 11 -0.20 6.55 4.80
CA VAL A 11 -0.21 7.61 3.73
C VAL A 11 0.09 6.96 2.37
N ASP A 12 -0.27 7.60 1.29
CA ASP A 12 -0.02 7.03 -0.07
C ASP A 12 1.45 6.64 -0.23
N SER A 13 2.36 7.45 0.28
CA SER A 13 3.80 7.13 0.17
C SER A 13 4.27 6.29 1.38
N ASP A 14 3.62 5.18 1.62
CA ASP A 14 4.02 4.32 2.79
C ASP A 14 4.20 2.86 2.36
N CYS A 15 4.15 2.57 1.08
CA CYS A 15 4.33 1.15 0.61
C CYS A 15 5.33 1.10 -0.55
N CYS A 16 5.60 -0.09 -1.05
CA CYS A 16 6.56 -0.22 -2.19
C CYS A 16 5.89 0.23 -3.49
N ALA A 17 6.56 0.06 -4.60
CA ALA A 17 5.96 0.47 -5.90
C ALA A 17 4.72 -0.38 -6.20
N HIS A 18 3.80 0.14 -6.99
CA HIS A 18 2.55 -0.60 -7.34
C HIS A 18 1.68 -0.86 -6.09
N LEU A 19 1.89 -0.12 -5.01
CA LEU A 19 1.07 -0.32 -3.79
C LEU A 19 0.45 1.01 -3.34
N GLY A 20 -0.85 1.06 -3.20
CA GLY A 20 -1.52 2.32 -2.78
C GLY A 20 -2.05 2.17 -1.36
N CYS A 21 -1.98 3.21 -0.57
CA CYS A 21 -2.48 3.14 0.83
C CYS A 21 -4.01 3.05 0.84
N LYS A 22 -4.55 2.01 1.43
CA LYS A 22 -6.04 1.87 1.47
C LYS A 22 -6.59 2.49 2.75
N PRO A 23 -7.46 3.47 2.58
CA PRO A 23 -8.07 4.15 3.76
C PRO A 23 -9.17 3.27 4.40
N THR A 24 -9.64 2.26 3.69
CA THR A 24 -10.71 1.39 4.27
C THR A 24 -10.10 0.31 5.17
N LEU A 25 -9.12 -0.41 4.70
CA LEU A 25 -8.48 -1.47 5.54
C LEU A 25 -7.17 -0.98 6.17
N LYS A 26 -6.68 0.18 5.76
CA LYS A 26 -5.40 0.72 6.33
C LYS A 26 -4.22 -0.20 5.98
N TYR A 27 -4.08 -0.55 4.72
CA TYR A 27 -2.95 -1.44 4.31
C TYR A 27 -2.52 -1.15 2.86
N CYS A 28 -1.40 -1.67 2.43
CA CYS A 28 -0.93 -1.41 1.03
C CYS A 28 -1.64 -2.34 0.04
N ALA A 29 -2.32 -1.78 -0.93
CA ALA A 29 -3.03 -2.61 -1.94
C ALA A 29 -2.24 -2.61 -3.25
N TRP A 30 -1.81 -3.77 -3.69
CA TRP A 30 -1.03 -3.83 -4.97
C TRP A 30 -1.95 -3.57 -6.17
N ASP A 31 -1.62 -2.59 -6.97
CA ASP A 31 -2.47 -2.28 -8.17
C ASP A 31 -1.61 -1.74 -9.32
N GLY A 32 -0.54 -2.42 -9.64
CA GLY A 32 0.33 -1.97 -10.77
C GLY A 32 -0.42 -2.09 -12.08
N THR A 33 -0.88 -3.27 -12.41
CA THR A 33 -1.65 -3.47 -13.69
C THR A 33 -3.08 -2.93 -13.54
N PHE A 34 -3.60 -2.87 -12.33
CA PHE A 34 -4.99 -2.36 -12.12
C PHE A 34 -5.11 -0.92 -12.64
N GLU A 1 13.29 0.86 3.91
CA GLU A 1 12.69 -0.16 3.01
C GLU A 1 11.19 0.09 2.83
N CYS A 2 10.68 -0.20 1.66
CA CYS A 2 9.21 0.01 1.41
C CYS A 2 8.40 -1.14 2.02
N ARG A 3 7.09 -1.09 1.89
CA ARG A 3 6.24 -2.17 2.47
C ARG A 3 5.87 -3.20 1.39
N LYS A 4 5.09 -4.19 1.74
CA LYS A 4 4.70 -5.24 0.75
C LYS A 4 3.17 -5.34 0.66
N MET A 5 2.67 -6.27 -0.12
CA MET A 5 1.19 -6.44 -0.26
C MET A 5 0.55 -6.75 1.10
N PHE A 6 -0.51 -6.04 1.45
CA PHE A 6 -1.20 -6.28 2.76
C PHE A 6 -0.17 -6.26 3.91
N GLY A 7 0.78 -5.35 3.87
CA GLY A 7 1.80 -5.27 4.96
C GLY A 7 1.55 -4.05 5.84
N GLY A 8 0.32 -3.59 5.93
CA GLY A 8 0.01 -2.41 6.78
C GLY A 8 0.47 -1.13 6.09
N CYS A 9 -0.25 -0.05 6.27
CA CYS A 9 0.15 1.24 5.62
C CYS A 9 -0.39 2.44 6.41
N SER A 10 -0.04 3.63 5.99
CA SER A 10 -0.52 4.87 6.68
C SER A 10 -0.96 5.89 5.64
N VAL A 11 -0.10 6.20 4.70
CA VAL A 11 -0.45 7.19 3.63
C VAL A 11 -0.17 6.57 2.26
N ASP A 12 -0.47 7.26 1.19
CA ASP A 12 -0.24 6.70 -0.17
C ASP A 12 1.26 6.40 -0.37
N SER A 13 2.11 7.27 0.10
CA SER A 13 3.58 7.04 -0.04
C SER A 13 4.13 6.29 1.19
N ASP A 14 3.52 5.18 1.53
CA ASP A 14 3.99 4.40 2.72
C ASP A 14 4.37 2.96 2.33
N CYS A 15 4.23 2.60 1.07
CA CYS A 15 4.57 1.21 0.63
C CYS A 15 5.43 1.24 -0.64
N CYS A 16 5.78 0.09 -1.15
CA CYS A 16 6.60 0.03 -2.39
C CYS A 16 5.77 0.46 -3.60
N ALA A 17 6.33 0.37 -4.78
CA ALA A 17 5.58 0.77 -6.00
C ALA A 17 4.34 -0.11 -6.19
N HIS A 18 3.32 0.43 -6.83
CA HIS A 18 2.06 -0.34 -7.08
C HIS A 18 1.33 -0.70 -5.77
N LEU A 19 1.58 0.03 -4.71
CA LEU A 19 0.90 -0.27 -3.42
C LEU A 19 0.18 0.98 -2.90
N GLY A 20 -1.12 0.96 -2.85
CA GLY A 20 -1.88 2.16 -2.36
C GLY A 20 -2.47 1.86 -0.99
N CYS A 21 -2.19 2.69 -0.02
CA CYS A 21 -2.74 2.47 1.35
C CYS A 21 -4.26 2.68 1.36
N LYS A 22 -4.96 1.96 2.21
CA LYS A 22 -6.44 2.11 2.27
C LYS A 22 -6.85 3.15 3.32
N PRO A 23 -7.73 4.04 2.94
CA PRO A 23 -8.20 5.10 3.88
C PRO A 23 -9.11 4.51 4.96
N THR A 24 -10.08 3.72 4.56
CA THR A 24 -10.99 3.09 5.57
C THR A 24 -10.28 1.95 6.32
N LEU A 25 -9.37 1.29 5.65
CA LEU A 25 -8.61 0.17 6.31
C LEU A 25 -7.21 0.65 6.68
N LYS A 26 -6.27 -0.26 6.83
CA LYS A 26 -4.87 0.15 7.19
C LYS A 26 -3.85 -0.76 6.52
N TYR A 27 -3.99 -0.98 5.23
CA TYR A 27 -3.02 -1.85 4.50
C TYR A 27 -2.90 -1.39 3.04
N CYS A 28 -1.77 -1.64 2.42
CA CYS A 28 -1.60 -1.21 0.99
C CYS A 28 -2.15 -2.29 0.05
N ALA A 29 -2.87 -1.88 -0.97
CA ALA A 29 -3.43 -2.86 -1.94
C ALA A 29 -2.63 -2.82 -3.24
N TRP A 30 -1.90 -3.87 -3.53
CA TRP A 30 -1.08 -3.90 -4.79
C TRP A 30 -1.96 -3.69 -6.02
N ASP A 31 -1.58 -2.79 -6.88
CA ASP A 31 -2.38 -2.52 -8.12
C ASP A 31 -1.44 -2.18 -9.29
N GLY A 32 -0.64 -3.11 -9.71
CA GLY A 32 0.31 -2.86 -10.84
C GLY A 32 -0.37 -3.23 -12.16
N THR A 33 -0.63 -4.50 -12.37
CA THR A 33 -1.29 -4.93 -13.65
C THR A 33 -2.82 -4.84 -13.52
N PHE A 34 -3.52 -5.20 -14.57
CA PHE A 34 -5.02 -5.14 -14.53
C PHE A 34 -5.62 -6.33 -15.28
N GLU A 1 13.51 0.93 2.80
CA GLU A 1 12.70 -0.29 3.10
C GLU A 1 11.21 0.01 2.90
N CYS A 2 10.70 -0.26 1.73
CA CYS A 2 9.25 0.00 1.46
C CYS A 2 8.39 -1.21 1.86
N ARG A 3 7.15 -0.97 2.19
CA ARG A 3 6.25 -2.11 2.60
C ARG A 3 5.76 -2.88 1.36
N LYS A 4 5.25 -4.06 1.57
CA LYS A 4 4.74 -4.87 0.42
C LYS A 4 3.22 -5.02 0.50
N MET A 5 2.66 -5.91 -0.28
CA MET A 5 1.17 -6.11 -0.25
C MET A 5 0.68 -6.29 1.19
N PHE A 6 -0.38 -5.61 1.56
CA PHE A 6 -0.92 -5.72 2.95
C PHE A 6 0.19 -5.41 3.98
N GLY A 7 0.92 -4.34 3.77
CA GLY A 7 2.02 -3.99 4.73
C GLY A 7 1.43 -3.31 5.97
N GLY A 8 0.54 -2.35 5.78
CA GLY A 8 -0.07 -1.64 6.94
C GLY A 8 0.42 -0.20 6.96
N CYS A 9 -0.44 0.74 6.64
CA CYS A 9 -0.01 2.18 6.62
C CYS A 9 -1.24 3.10 6.55
N SER A 10 -1.01 4.39 6.40
CA SER A 10 -2.14 5.37 6.31
C SER A 10 -1.97 6.25 5.07
N VAL A 11 -0.82 6.87 4.92
CA VAL A 11 -0.59 7.74 3.73
C VAL A 11 -0.17 6.90 2.52
N ASP A 12 -0.61 7.27 1.34
CA ASP A 12 -0.26 6.49 0.11
C ASP A 12 1.26 6.31 -0.02
N SER A 13 2.05 7.21 0.50
CA SER A 13 3.53 7.08 0.40
C SER A 13 4.10 6.25 1.57
N ASP A 14 3.62 5.05 1.73
CA ASP A 14 4.12 4.18 2.84
C ASP A 14 4.54 2.79 2.32
N CYS A 15 4.45 2.56 1.03
CA CYS A 15 4.83 1.24 0.46
C CYS A 15 5.63 1.44 -0.84
N CYS A 16 6.02 0.35 -1.47
CA CYS A 16 6.79 0.47 -2.75
C CYS A 16 5.86 0.85 -3.89
N ALA A 17 6.36 0.90 -5.10
CA ALA A 17 5.49 1.25 -6.26
C ALA A 17 4.30 0.29 -6.38
N HIS A 18 3.22 0.73 -6.98
CA HIS A 18 2.01 -0.13 -7.15
C HIS A 18 1.36 -0.48 -5.80
N LEU A 19 1.61 0.28 -4.77
CA LEU A 19 0.98 -0.02 -3.44
C LEU A 19 0.38 1.26 -2.83
N GLY A 20 -0.92 1.33 -2.74
CA GLY A 20 -1.57 2.54 -2.14
C GLY A 20 -2.26 2.15 -0.83
N CYS A 21 -1.98 2.86 0.22
CA CYS A 21 -2.61 2.54 1.54
C CYS A 21 -4.13 2.71 1.45
N LYS A 22 -4.88 1.83 2.07
CA LYS A 22 -6.36 1.94 2.03
C LYS A 22 -6.88 2.85 3.15
N PRO A 23 -7.64 3.85 2.77
CA PRO A 23 -8.22 4.80 3.75
C PRO A 23 -9.33 4.12 4.58
N THR A 24 -10.06 3.23 3.98
CA THR A 24 -11.15 2.52 4.73
C THR A 24 -10.54 1.64 5.82
N LEU A 25 -9.52 0.87 5.49
CA LEU A 25 -8.88 0.00 6.51
C LEU A 25 -7.48 0.57 6.86
N LYS A 26 -6.43 -0.20 6.68
CA LYS A 26 -5.06 0.31 7.01
C LYS A 26 -3.99 -0.59 6.40
N TYR A 27 -3.99 -0.74 5.09
CA TYR A 27 -2.97 -1.61 4.43
C TYR A 27 -2.81 -1.21 2.96
N CYS A 28 -1.66 -1.47 2.37
CA CYS A 28 -1.45 -1.09 0.94
C CYS A 28 -2.10 -2.12 0.01
N ALA A 29 -2.82 -1.66 -0.98
CA ALA A 29 -3.48 -2.60 -1.93
C ALA A 29 -2.71 -2.62 -3.24
N TRP A 30 -1.93 -3.66 -3.47
CA TRP A 30 -1.13 -3.76 -4.73
C TRP A 30 -2.03 -3.57 -5.96
N ASP A 31 -1.73 -2.59 -6.78
CA ASP A 31 -2.56 -2.36 -7.99
C ASP A 31 -1.70 -1.81 -9.14
N GLY A 32 -0.58 -2.45 -9.40
CA GLY A 32 0.31 -1.98 -10.50
C GLY A 32 0.59 -3.14 -11.45
N THR A 33 -0.37 -4.01 -11.63
CA THR A 33 -0.18 -5.19 -12.55
C THR A 33 -0.97 -4.99 -13.85
N PHE A 34 -2.08 -4.29 -13.78
CA PHE A 34 -2.90 -4.06 -15.00
C PHE A 34 -3.18 -2.56 -15.19
N GLU A 1 13.60 -0.33 3.66
CA GLU A 1 12.63 -1.46 3.55
C GLU A 1 11.22 -0.93 3.31
N CYS A 2 10.66 -1.16 2.15
CA CYS A 2 9.28 -0.66 1.85
C CYS A 2 8.23 -1.68 2.28
N ARG A 3 6.98 -1.29 2.29
CA ARG A 3 5.90 -2.24 2.70
C ARG A 3 5.46 -3.08 1.50
N LYS A 4 5.16 -4.33 1.72
CA LYS A 4 4.73 -5.23 0.59
C LYS A 4 3.20 -5.39 0.59
N MET A 5 2.69 -6.30 -0.20
CA MET A 5 1.21 -6.51 -0.25
C MET A 5 0.65 -6.83 1.14
N PHE A 6 -0.39 -6.15 1.54
CA PHE A 6 -1.00 -6.37 2.88
C PHE A 6 0.05 -6.24 3.99
N GLY A 7 0.82 -5.17 3.96
CA GLY A 7 1.88 -4.97 5.00
C GLY A 7 1.32 -4.11 6.14
N GLY A 8 0.75 -2.99 5.82
CA GLY A 8 0.19 -2.10 6.88
C GLY A 8 0.78 -0.69 6.72
N CYS A 9 -0.04 0.27 6.38
CA CYS A 9 0.49 1.66 6.19
C CYS A 9 -0.59 2.70 6.56
N SER A 10 -0.30 3.96 6.35
CA SER A 10 -1.29 5.04 6.66
C SER A 10 -1.58 5.85 5.40
N VAL A 11 -0.56 6.32 4.73
CA VAL A 11 -0.75 7.12 3.49
C VAL A 11 -0.19 6.35 2.28
N ASP A 12 -0.52 6.77 1.08
CA ASP A 12 0.00 6.06 -0.13
C ASP A 12 1.53 6.08 -0.18
N SER A 13 2.16 7.04 0.47
CA SER A 13 3.66 7.09 0.46
C SER A 13 4.22 6.28 1.64
N ASP A 14 3.61 5.16 1.97
CA ASP A 14 4.11 4.32 3.10
C ASP A 14 4.32 2.88 2.64
N CYS A 15 4.35 2.64 1.34
CA CYS A 15 4.55 1.24 0.84
C CYS A 15 5.54 1.25 -0.34
N CYS A 16 5.74 0.12 -0.97
CA CYS A 16 6.68 0.06 -2.13
C CYS A 16 6.01 0.62 -3.39
N ALA A 17 6.62 0.41 -4.54
CA ALA A 17 6.04 0.94 -5.81
C ALA A 17 4.71 0.24 -6.15
N HIS A 18 3.81 0.94 -6.78
CA HIS A 18 2.49 0.35 -7.16
C HIS A 18 1.70 -0.13 -5.94
N LEU A 19 2.01 0.39 -4.78
CA LEU A 19 1.27 -0.02 -3.54
C LEU A 19 0.54 1.18 -2.93
N GLY A 20 -0.77 1.19 -3.02
CA GLY A 20 -1.55 2.33 -2.46
C GLY A 20 -2.15 1.93 -1.12
N CYS A 21 -1.96 2.74 -0.10
CA CYS A 21 -2.53 2.40 1.24
C CYS A 21 -4.05 2.45 1.19
N LYS A 22 -4.70 1.37 1.56
CA LYS A 22 -6.19 1.32 1.53
C LYS A 22 -6.78 2.32 2.55
N PRO A 23 -7.61 3.21 2.06
CA PRO A 23 -8.24 4.22 2.93
C PRO A 23 -9.30 3.58 3.85
N THR A 24 -10.11 2.70 3.32
CA THR A 24 -11.15 2.02 4.17
C THR A 24 -10.47 1.32 5.35
N LEU A 25 -9.48 0.50 5.08
CA LEU A 25 -8.75 -0.20 6.17
C LEU A 25 -7.40 0.50 6.42
N LYS A 26 -6.28 -0.19 6.30
CA LYS A 26 -4.96 0.47 6.52
C LYS A 26 -3.82 -0.45 6.05
N TYR A 27 -3.80 -0.79 4.79
CA TYR A 27 -2.72 -1.69 4.27
C TYR A 27 -2.33 -1.33 2.83
N CYS A 28 -1.19 -1.77 2.38
CA CYS A 28 -0.75 -1.45 0.99
C CYS A 28 -1.41 -2.42 -0.01
N ALA A 29 -1.97 -1.90 -1.08
CA ALA A 29 -2.63 -2.78 -2.09
C ALA A 29 -1.89 -2.65 -3.43
N TRP A 30 -1.26 -3.71 -3.88
CA TRP A 30 -0.52 -3.65 -5.19
C TRP A 30 -1.51 -3.52 -6.35
N ASP A 31 -1.46 -2.42 -7.07
CA ASP A 31 -2.39 -2.23 -8.23
C ASP A 31 -1.62 -1.65 -9.42
N GLY A 32 -0.59 -2.33 -9.86
CA GLY A 32 0.20 -1.84 -11.03
C GLY A 32 -0.51 -2.16 -12.34
N THR A 33 -1.23 -3.26 -12.40
CA THR A 33 -1.95 -3.63 -13.66
C THR A 33 -3.22 -2.77 -13.81
N PHE A 34 -4.20 -3.00 -12.98
CA PHE A 34 -5.47 -2.19 -13.06
C PHE A 34 -5.55 -1.18 -11.92
N GLU A 1 12.68 -1.33 4.49
CA GLU A 1 12.08 -1.79 3.20
C GLU A 1 10.70 -1.16 3.01
N CYS A 2 10.32 -0.88 1.79
CA CYS A 2 8.98 -0.27 1.52
C CYS A 2 7.86 -1.26 1.90
N ARG A 3 6.66 -0.78 2.10
CA ARG A 3 5.53 -1.68 2.48
C ARG A 3 4.94 -2.35 1.24
N LYS A 4 4.76 -3.65 1.30
CA LYS A 4 4.18 -4.38 0.12
C LYS A 4 2.72 -4.77 0.39
N MET A 5 2.17 -5.63 -0.44
CA MET A 5 0.75 -6.05 -0.24
C MET A 5 0.51 -6.54 1.19
N PHE A 6 -0.57 -6.11 1.81
CA PHE A 6 -0.89 -6.52 3.21
C PHE A 6 0.29 -6.19 4.14
N GLY A 7 0.81 -4.99 4.05
CA GLY A 7 1.96 -4.59 4.91
C GLY A 7 1.47 -3.65 6.03
N GLY A 8 0.40 -2.93 5.81
CA GLY A 8 -0.11 -2.01 6.87
C GLY A 8 0.47 -0.61 6.64
N CYS A 9 -0.37 0.39 6.57
CA CYS A 9 0.13 1.78 6.34
C CYS A 9 -0.81 2.81 6.95
N SER A 10 -0.54 4.08 6.71
CA SER A 10 -1.41 5.16 7.26
C SER A 10 -1.73 6.19 6.15
N VAL A 11 -0.72 6.64 5.45
CA VAL A 11 -0.95 7.64 4.36
C VAL A 11 -0.59 7.01 2.99
N ASP A 12 -1.08 7.58 1.92
CA ASP A 12 -0.77 7.03 0.56
C ASP A 12 0.74 6.86 0.35
N SER A 13 1.53 7.76 0.89
CA SER A 13 3.01 7.65 0.73
C SER A 13 3.60 6.79 1.86
N ASP A 14 3.14 5.57 1.99
CA ASP A 14 3.66 4.67 3.06
C ASP A 14 3.82 3.24 2.53
N CYS A 15 3.96 3.08 1.22
CA CYS A 15 4.11 1.70 0.65
C CYS A 15 5.12 1.71 -0.50
N CYS A 16 5.32 0.57 -1.13
CA CYS A 16 6.28 0.49 -2.28
C CYS A 16 5.59 0.96 -3.56
N ALA A 17 6.24 0.78 -4.69
CA ALA A 17 5.63 1.20 -5.98
C ALA A 17 4.40 0.35 -6.29
N HIS A 18 3.45 0.89 -7.01
CA HIS A 18 2.20 0.13 -7.36
C HIS A 18 1.42 -0.26 -6.09
N LEU A 19 1.54 0.52 -5.04
CA LEU A 19 0.80 0.22 -3.77
C LEU A 19 0.18 1.50 -3.22
N GLY A 20 -1.10 1.50 -2.97
CA GLY A 20 -1.77 2.72 -2.43
C GLY A 20 -2.36 2.42 -1.05
N CYS A 21 -1.98 3.19 -0.06
CA CYS A 21 -2.53 2.95 1.32
C CYS A 21 -4.06 3.13 1.31
N LYS A 22 -4.77 2.15 1.77
CA LYS A 22 -6.27 2.26 1.79
C LYS A 22 -6.74 3.15 2.95
N PRO A 23 -7.48 4.17 2.63
CA PRO A 23 -8.01 5.10 3.67
C PRO A 23 -9.08 4.41 4.51
N THR A 24 -10.01 3.73 3.87
CA THR A 24 -11.07 3.01 4.63
C THR A 24 -10.44 1.89 5.45
N LEU A 25 -9.55 1.13 4.85
CA LEU A 25 -8.86 0.02 5.58
C LEU A 25 -7.53 0.56 6.16
N LYS A 26 -6.49 -0.24 6.18
CA LYS A 26 -5.20 0.24 6.74
C LYS A 26 -4.03 -0.62 6.20
N TYR A 27 -3.95 -0.76 4.89
CA TYR A 27 -2.84 -1.56 4.30
C TYR A 27 -2.56 -1.09 2.86
N CYS A 28 -1.44 -1.48 2.32
CA CYS A 28 -1.09 -1.06 0.92
C CYS A 28 -1.77 -1.98 -0.10
N ALA A 29 -2.58 -1.42 -0.95
CA ALA A 29 -3.27 -2.27 -1.98
C ALA A 29 -2.47 -2.24 -3.28
N TRP A 30 -1.94 -3.37 -3.68
CA TRP A 30 -1.14 -3.41 -4.95
C TRP A 30 -2.05 -3.13 -6.15
N ASP A 31 -1.76 -2.10 -6.91
CA ASP A 31 -2.61 -1.76 -8.09
C ASP A 31 -1.72 -1.40 -9.28
N GLY A 32 -0.77 -2.25 -9.61
CA GLY A 32 0.13 -1.96 -10.76
C GLY A 32 -0.36 -2.75 -11.97
N THR A 33 -0.21 -4.05 -11.94
CA THR A 33 -0.69 -4.88 -13.09
C THR A 33 -2.15 -5.30 -12.87
N PHE A 34 -2.55 -5.49 -11.63
CA PHE A 34 -3.97 -5.88 -11.34
C PHE A 34 -4.47 -5.14 -10.09
N GLU A 1 12.17 -1.20 6.16
CA GLU A 1 12.11 -0.94 4.69
C GLU A 1 10.70 -0.56 4.26
N CYS A 2 10.49 -0.34 2.98
CA CYS A 2 9.13 0.05 2.48
C CYS A 2 8.14 -1.10 2.70
N ARG A 3 6.87 -0.78 2.88
CA ARG A 3 5.86 -1.84 3.11
C ARG A 3 5.49 -2.55 1.80
N LYS A 4 5.09 -3.80 1.89
CA LYS A 4 4.71 -4.56 0.67
C LYS A 4 3.21 -4.87 0.69
N MET A 5 2.75 -5.72 -0.20
CA MET A 5 1.29 -6.08 -0.25
C MET A 5 0.77 -6.44 1.16
N PHE A 6 -0.36 -5.90 1.51
CA PHE A 6 -0.97 -6.18 2.86
C PHE A 6 0.04 -5.87 3.98
N GLY A 7 0.73 -4.75 3.88
CA GLY A 7 1.73 -4.38 4.92
C GLY A 7 1.01 -3.73 6.11
N GLY A 8 0.80 -2.44 6.05
CA GLY A 8 0.11 -1.73 7.16
C GLY A 8 0.50 -0.25 7.14
N CYS A 9 -0.38 0.61 6.68
CA CYS A 9 -0.04 2.07 6.63
C CYS A 9 -1.31 2.92 6.47
N SER A 10 -1.17 4.23 6.52
CA SER A 10 -2.34 5.14 6.36
C SER A 10 -2.15 6.08 5.16
N VAL A 11 -0.99 6.68 5.04
CA VAL A 11 -0.73 7.61 3.88
C VAL A 11 -0.37 6.79 2.63
N ASP A 12 -0.88 7.19 1.49
CA ASP A 12 -0.59 6.45 0.22
C ASP A 12 0.92 6.25 -0.01
N SER A 13 1.73 7.19 0.36
CA SER A 13 3.21 7.06 0.14
C SER A 13 3.89 6.38 1.35
N ASP A 14 3.35 5.27 1.80
CA ASP A 14 3.97 4.55 2.96
C ASP A 14 4.49 3.17 2.53
N CYS A 15 4.17 2.73 1.33
CA CYS A 15 4.63 1.40 0.85
C CYS A 15 5.70 1.54 -0.24
N CYS A 16 6.11 0.44 -0.82
CA CYS A 16 7.13 0.49 -1.91
C CYS A 16 6.47 0.82 -3.26
N ALA A 17 7.18 0.67 -4.33
CA ALA A 17 6.60 0.98 -5.68
C ALA A 17 5.41 0.05 -5.98
N HIS A 18 4.48 0.53 -6.76
CA HIS A 18 3.28 -0.29 -7.14
C HIS A 18 2.45 -0.68 -5.90
N LEU A 19 2.48 0.13 -4.87
CA LEU A 19 1.69 -0.18 -3.63
C LEU A 19 0.99 1.09 -3.10
N GLY A 20 -0.28 0.99 -2.80
CA GLY A 20 -1.01 2.19 -2.27
C GLY A 20 -1.74 1.80 -0.98
N CYS A 21 -1.61 2.61 0.05
CA CYS A 21 -2.29 2.29 1.34
C CYS A 21 -3.81 2.39 1.18
N LYS A 22 -4.53 1.41 1.65
CA LYS A 22 -6.02 1.44 1.52
C LYS A 22 -6.64 2.37 2.57
N PRO A 23 -7.45 3.29 2.11
CA PRO A 23 -8.13 4.24 3.02
C PRO A 23 -9.23 3.52 3.82
N THR A 24 -9.93 2.59 3.18
CA THR A 24 -11.00 1.83 3.89
C THR A 24 -10.41 1.06 5.07
N LEU A 25 -9.42 0.23 4.81
CA LEU A 25 -8.80 -0.56 5.92
C LEU A 25 -7.46 0.11 6.32
N LYS A 26 -6.35 -0.59 6.26
CA LYS A 26 -5.05 0.04 6.66
C LYS A 26 -3.85 -0.81 6.19
N TYR A 27 -3.75 -1.07 4.91
CA TYR A 27 -2.59 -1.87 4.41
C TYR A 27 -2.28 -1.50 2.95
N CYS A 28 -1.10 -1.84 2.47
CA CYS A 28 -0.74 -1.50 1.06
C CYS A 28 -1.46 -2.42 0.08
N ALA A 29 -1.83 -1.92 -1.06
CA ALA A 29 -2.54 -2.74 -2.08
C ALA A 29 -1.78 -2.68 -3.41
N TRP A 30 -1.15 -3.77 -3.79
CA TRP A 30 -0.38 -3.76 -5.07
C TRP A 30 -1.32 -3.59 -6.27
N ASP A 31 -1.04 -2.63 -7.12
CA ASP A 31 -1.91 -2.40 -8.31
C ASP A 31 -1.06 -2.43 -9.59
N GLY A 32 -0.53 -3.58 -9.93
CA GLY A 32 0.30 -3.70 -11.17
C GLY A 32 -0.42 -4.58 -12.20
N THR A 33 -1.73 -4.52 -12.23
CA THR A 33 -2.50 -5.36 -13.20
C THR A 33 -3.51 -4.49 -13.96
N PHE A 34 -4.22 -3.65 -13.26
CA PHE A 34 -5.23 -2.77 -13.91
C PHE A 34 -5.09 -1.31 -13.43
N GLU A 1 12.33 -0.73 5.67
CA GLU A 1 12.19 -0.68 4.17
C GLU A 1 10.74 -0.40 3.78
N CYS A 2 10.45 -0.38 2.49
CA CYS A 2 9.05 -0.11 2.04
C CYS A 2 8.11 -1.26 2.44
N ARG A 3 6.83 -1.04 2.36
CA ARG A 3 5.86 -2.12 2.74
C ARG A 3 5.28 -2.80 1.49
N LYS A 4 5.01 -4.07 1.56
CA LYS A 4 4.45 -4.81 0.40
C LYS A 4 2.95 -5.09 0.60
N MET A 5 2.37 -5.93 -0.23
CA MET A 5 0.91 -6.24 -0.10
C MET A 5 0.56 -6.67 1.33
N PHE A 6 -0.48 -6.10 1.89
CA PHE A 6 -0.90 -6.46 3.29
C PHE A 6 0.26 -6.24 4.27
N GLY A 7 0.76 -5.04 4.34
CA GLY A 7 1.89 -4.74 5.27
C GLY A 7 1.39 -3.84 6.41
N GLY A 8 0.78 -2.73 6.07
CA GLY A 8 0.27 -1.80 7.12
C GLY A 8 0.84 -0.40 6.88
N CYS A 9 0.00 0.56 6.59
CA CYS A 9 0.52 1.94 6.33
C CYS A 9 -0.56 2.99 6.66
N SER A 10 -0.30 4.23 6.34
CA SER A 10 -1.30 5.32 6.63
C SER A 10 -1.51 6.19 5.39
N VAL A 11 -0.44 6.68 4.80
CA VAL A 11 -0.57 7.53 3.58
C VAL A 11 -0.33 6.69 2.33
N ASP A 12 -0.78 7.15 1.20
CA ASP A 12 -0.57 6.39 -0.07
C ASP A 12 0.92 6.26 -0.39
N SER A 13 1.71 7.24 -0.03
CA SER A 13 3.18 7.18 -0.29
C SER A 13 3.91 6.54 0.91
N ASP A 14 3.36 5.48 1.46
CA ASP A 14 4.01 4.82 2.62
C ASP A 14 4.34 3.35 2.31
N CYS A 15 4.19 2.92 1.08
CA CYS A 15 4.49 1.50 0.72
C CYS A 15 5.53 1.45 -0.40
N CYS A 16 5.83 0.27 -0.90
CA CYS A 16 6.83 0.14 -2.00
C CYS A 16 6.19 0.52 -3.34
N ALA A 17 6.89 0.30 -4.43
CA ALA A 17 6.31 0.66 -5.76
C ALA A 17 5.09 -0.22 -6.07
N HIS A 18 4.17 0.30 -6.85
CA HIS A 18 2.94 -0.47 -7.23
C HIS A 18 2.09 -0.79 -5.99
N LEU A 19 2.23 -0.03 -4.93
CA LEU A 19 1.42 -0.27 -3.70
C LEU A 19 0.71 1.01 -3.28
N GLY A 20 -0.57 0.93 -3.01
CA GLY A 20 -1.34 2.14 -2.58
C GLY A 20 -2.00 1.88 -1.23
N CYS A 21 -1.68 2.64 -0.23
CA CYS A 21 -2.30 2.43 1.12
C CYS A 21 -3.82 2.64 1.04
N LYS A 22 -4.57 1.69 1.56
CA LYS A 22 -6.07 1.82 1.51
C LYS A 22 -6.52 2.94 2.45
N PRO A 23 -7.29 3.87 1.91
CA PRO A 23 -7.81 5.00 2.72
C PRO A 23 -8.87 4.52 3.71
N THR A 24 -9.77 3.65 3.28
CA THR A 24 -10.82 3.14 4.21
C THR A 24 -10.21 2.14 5.19
N LEU A 25 -9.26 1.35 4.75
CA LEU A 25 -8.60 0.35 5.65
C LEU A 25 -7.24 0.90 6.13
N LYS A 26 -6.25 0.07 6.28
CA LYS A 26 -4.92 0.56 6.75
C LYS A 26 -3.78 -0.38 6.33
N TYR A 27 -3.71 -0.70 5.05
CA TYR A 27 -2.61 -1.59 4.56
C TYR A 27 -2.27 -1.25 3.09
N CYS A 28 -1.13 -1.68 2.61
CA CYS A 28 -0.75 -1.37 1.21
C CYS A 28 -1.47 -2.32 0.24
N ALA A 29 -2.17 -1.79 -0.71
CA ALA A 29 -2.89 -2.64 -1.70
C ALA A 29 -2.26 -2.48 -3.08
N TRP A 30 -1.68 -3.54 -3.60
CA TRP A 30 -1.04 -3.46 -4.96
C TRP A 30 -2.05 -2.99 -6.01
N ASP A 31 -1.71 -1.96 -6.73
CA ASP A 31 -2.64 -1.44 -7.79
C ASP A 31 -1.85 -1.16 -9.07
N GLY A 32 -1.54 -2.19 -9.83
CA GLY A 32 -0.77 -1.99 -11.09
C GLY A 32 -1.74 -1.91 -12.27
N THR A 33 -2.33 -3.01 -12.66
CA THR A 33 -3.29 -3.00 -13.81
C THR A 33 -4.72 -3.20 -13.32
N PHE A 34 -5.15 -4.44 -13.15
CA PHE A 34 -6.55 -4.72 -12.66
C PHE A 34 -7.58 -3.94 -13.49
N GLU A 1 13.39 -0.90 3.82
CA GLU A 1 12.38 -1.95 3.49
C GLU A 1 11.01 -1.31 3.25
N CYS A 2 10.58 -1.23 2.02
CA CYS A 2 9.25 -0.62 1.71
C CYS A 2 8.12 -1.59 2.06
N ARG A 3 6.97 -1.08 2.43
CA ARG A 3 5.83 -1.98 2.78
C ARG A 3 5.21 -2.55 1.50
N LYS A 4 4.69 -3.75 1.56
CA LYS A 4 4.08 -4.36 0.34
C LYS A 4 2.62 -4.77 0.60
N MET A 5 2.02 -5.48 -0.31
CA MET A 5 0.60 -5.92 -0.14
C MET A 5 0.38 -6.49 1.27
N PHE A 6 -0.78 -6.27 1.84
CA PHE A 6 -1.09 -6.78 3.21
C PHE A 6 -0.05 -6.26 4.22
N GLY A 7 0.28 -4.99 4.13
CA GLY A 7 1.29 -4.40 5.08
C GLY A 7 0.56 -3.64 6.19
N GLY A 8 0.47 -2.34 6.07
CA GLY A 8 -0.22 -1.53 7.13
C GLY A 8 0.37 -0.12 7.16
N CYS A 9 -0.33 0.84 6.60
CA CYS A 9 0.20 2.24 6.58
C CYS A 9 -0.96 3.25 6.44
N SER A 10 -0.63 4.51 6.32
CA SER A 10 -1.70 5.56 6.16
C SER A 10 -1.45 6.39 4.90
N VAL A 11 -0.28 6.97 4.77
CA VAL A 11 0.03 7.80 3.56
C VAL A 11 0.48 6.89 2.41
N ASP A 12 0.09 7.21 1.19
CA ASP A 12 0.48 6.37 0.03
C ASP A 12 2.02 6.24 -0.10
N SER A 13 2.77 7.10 0.56
CA SER A 13 4.26 7.01 0.47
C SER A 13 4.85 6.09 1.56
N ASP A 14 4.09 5.12 2.00
CA ASP A 14 4.60 4.18 3.05
C ASP A 14 4.80 2.77 2.47
N CYS A 15 4.54 2.59 1.19
CA CYS A 15 4.72 1.25 0.57
C CYS A 15 5.66 1.34 -0.63
N CYS A 16 5.91 0.23 -1.30
CA CYS A 16 6.81 0.26 -2.49
C CYS A 16 6.04 0.77 -3.71
N ALA A 17 6.66 0.78 -4.86
CA ALA A 17 5.96 1.27 -6.09
C ALA A 17 4.74 0.39 -6.39
N HIS A 18 3.75 0.95 -7.04
CA HIS A 18 2.50 0.18 -7.39
C HIS A 18 1.69 -0.17 -6.13
N LEU A 19 2.04 0.37 -4.98
CA LEU A 19 1.26 0.05 -3.74
C LEU A 19 0.71 1.34 -3.11
N GLY A 20 -0.56 1.37 -2.81
CA GLY A 20 -1.17 2.58 -2.20
C GLY A 20 -1.85 2.19 -0.88
N CYS A 21 -1.58 2.92 0.18
CA CYS A 21 -2.19 2.60 1.51
C CYS A 21 -3.72 2.74 1.41
N LYS A 22 -4.44 1.66 1.60
CA LYS A 22 -5.93 1.72 1.52
C LYS A 22 -6.49 2.66 2.60
N PRO A 23 -7.44 3.47 2.20
CA PRO A 23 -8.07 4.44 3.14
C PRO A 23 -9.03 3.72 4.12
N THR A 24 -9.41 2.50 3.81
CA THR A 24 -10.34 1.76 4.72
C THR A 24 -9.55 0.75 5.58
N LEU A 25 -8.92 -0.21 4.96
CA LEU A 25 -8.14 -1.23 5.74
C LEU A 25 -6.80 -0.66 6.23
N LYS A 26 -6.34 0.43 5.63
CA LYS A 26 -5.03 1.04 6.04
C LYS A 26 -3.87 0.09 5.74
N TYR A 27 -3.81 -0.42 4.55
CA TYR A 27 -2.71 -1.36 4.16
C TYR A 27 -2.31 -1.13 2.69
N CYS A 28 -1.09 -1.43 2.33
CA CYS A 28 -0.64 -1.20 0.92
C CYS A 28 -1.41 -2.11 -0.05
N ALA A 29 -2.13 -1.53 -0.97
CA ALA A 29 -2.89 -2.34 -1.95
C ALA A 29 -2.25 -2.20 -3.34
N TRP A 30 -1.80 -3.29 -3.91
CA TRP A 30 -1.16 -3.22 -5.26
C TRP A 30 -2.21 -2.86 -6.32
N ASP A 31 -2.07 -1.72 -6.94
CA ASP A 31 -3.06 -1.30 -7.98
C ASP A 31 -2.35 -0.89 -9.28
N GLY A 32 -1.45 -1.70 -9.75
CA GLY A 32 -0.72 -1.38 -11.02
C GLY A 32 -1.54 -1.93 -12.19
N THR A 33 -1.73 -3.23 -12.23
CA THR A 33 -2.53 -3.84 -13.34
C THR A 33 -3.95 -4.16 -12.84
N PHE A 34 -4.22 -3.95 -11.56
CA PHE A 34 -5.59 -4.24 -11.02
C PHE A 34 -6.48 -2.99 -11.14
N GLU A 1 13.36 -1.16 4.93
CA GLU A 1 13.02 -1.31 3.48
C GLU A 1 11.55 -0.91 3.23
N CYS A 2 11.16 -0.81 1.99
CA CYS A 2 9.75 -0.43 1.66
C CYS A 2 8.80 -1.59 2.00
N ARG A 3 7.56 -1.28 2.29
CA ARG A 3 6.57 -2.36 2.62
C ARG A 3 6.03 -3.00 1.33
N LYS A 4 5.30 -4.08 1.45
CA LYS A 4 4.74 -4.76 0.24
C LYS A 4 3.21 -4.86 0.35
N MET A 5 2.62 -5.69 -0.48
CA MET A 5 1.12 -5.85 -0.44
C MET A 5 0.66 -6.21 0.97
N PHE A 6 -0.55 -5.84 1.32
CA PHE A 6 -1.09 -6.14 2.69
C PHE A 6 -0.22 -5.47 3.78
N GLY A 7 0.49 -4.42 3.44
CA GLY A 7 1.35 -3.73 4.45
C GLY A 7 0.50 -2.70 5.20
N GLY A 8 0.27 -2.94 6.47
CA GLY A 8 -0.56 -1.99 7.28
C GLY A 8 0.12 -0.62 7.32
N CYS A 9 -0.57 0.41 6.91
CA CYS A 9 0.02 1.79 6.92
C CYS A 9 -1.09 2.85 6.95
N SER A 10 -0.74 4.10 6.81
CA SER A 10 -1.77 5.18 6.83
C SER A 10 -1.60 6.11 5.61
N VAL A 11 -0.44 6.69 5.44
CA VAL A 11 -0.22 7.60 4.26
C VAL A 11 0.16 6.77 3.03
N ASP A 12 -0.22 7.21 1.86
CA ASP A 12 0.11 6.45 0.61
C ASP A 12 1.62 6.21 0.48
N SER A 13 2.43 7.07 1.04
CA SER A 13 3.91 6.89 0.95
C SER A 13 4.42 6.00 2.10
N ASP A 14 3.91 4.79 2.19
CA ASP A 14 4.36 3.86 3.27
C ASP A 14 4.70 2.48 2.72
N CYS A 15 4.72 2.31 1.41
CA CYS A 15 5.05 0.98 0.82
C CYS A 15 5.90 1.15 -0.44
N CYS A 16 6.34 0.07 -1.03
CA CYS A 16 7.18 0.17 -2.26
C CYS A 16 6.34 0.68 -3.44
N ALA A 17 6.89 0.68 -4.63
CA ALA A 17 6.12 1.18 -5.81
C ALA A 17 4.87 0.32 -6.06
N HIS A 18 3.88 0.89 -6.68
CA HIS A 18 2.60 0.15 -6.98
C HIS A 18 1.86 -0.24 -5.69
N LEU A 19 2.04 0.49 -4.63
CA LEU A 19 1.32 0.16 -3.35
C LEU A 19 0.66 1.41 -2.77
N GLY A 20 -0.63 1.37 -2.55
CA GLY A 20 -1.33 2.57 -2.00
C GLY A 20 -2.08 2.18 -0.71
N CYS A 21 -1.81 2.87 0.36
CA CYS A 21 -2.50 2.56 1.66
C CYS A 21 -3.99 2.86 1.54
N LYS A 22 -4.82 1.89 1.86
CA LYS A 22 -6.30 2.11 1.77
C LYS A 22 -6.83 2.78 3.04
N PRO A 23 -7.74 3.70 2.87
CA PRO A 23 -8.33 4.43 4.02
C PRO A 23 -9.34 3.55 4.77
N THR A 24 -9.81 2.48 4.16
CA THR A 24 -10.79 1.58 4.83
C THR A 24 -10.10 0.68 5.87
N LEU A 25 -9.19 -0.17 5.43
CA LEU A 25 -8.50 -1.08 6.38
C LEU A 25 -7.07 -0.59 6.71
N LYS A 26 -6.65 0.49 6.10
CA LYS A 26 -5.27 1.03 6.37
C LYS A 26 -4.20 0.01 5.95
N TYR A 27 -4.29 -0.48 4.73
CA TYR A 27 -3.29 -1.47 4.24
C TYR A 27 -2.91 -1.15 2.79
N CYS A 28 -1.68 -1.44 2.40
CA CYS A 28 -1.26 -1.12 0.99
C CYS A 28 -1.92 -2.09 0.00
N ALA A 29 -2.67 -1.55 -0.93
CA ALA A 29 -3.33 -2.41 -1.96
C ALA A 29 -2.50 -2.41 -3.24
N TRP A 30 -1.68 -3.42 -3.43
CA TRP A 30 -0.82 -3.47 -4.66
C TRP A 30 -1.69 -3.37 -5.93
N ASP A 31 -1.41 -2.40 -6.77
CA ASP A 31 -2.20 -2.25 -8.03
C ASP A 31 -1.25 -2.20 -9.23
N GLY A 32 -0.64 -3.32 -9.55
CA GLY A 32 0.30 -3.37 -10.70
C GLY A 32 -0.30 -4.21 -11.82
N THR A 33 -0.90 -5.34 -11.49
CA THR A 33 -1.50 -6.22 -12.52
C THR A 33 -2.50 -5.44 -13.39
N PHE A 34 -3.20 -4.51 -12.81
CA PHE A 34 -4.20 -3.69 -13.59
C PHE A 34 -4.16 -2.22 -13.14
N GLU A 1 12.78 -1.15 5.32
CA GLU A 1 12.51 -1.12 3.85
C GLU A 1 11.05 -0.71 3.60
N CYS A 2 10.68 -0.55 2.35
CA CYS A 2 9.27 -0.15 2.02
C CYS A 2 8.29 -1.28 2.37
N ARG A 3 7.04 -0.94 2.55
CA ARG A 3 6.02 -1.99 2.89
C ARG A 3 5.69 -2.84 1.65
N LYS A 4 5.24 -4.04 1.86
CA LYS A 4 4.91 -4.94 0.71
C LYS A 4 3.39 -5.12 0.59
N MET A 5 2.95 -6.02 -0.26
CA MET A 5 1.48 -6.25 -0.43
C MET A 5 0.86 -6.78 0.86
N PHE A 6 -0.30 -6.30 1.22
CA PHE A 6 -0.99 -6.76 2.48
C PHE A 6 -0.07 -6.59 3.70
N GLY A 7 0.63 -5.49 3.78
CA GLY A 7 1.55 -5.25 4.93
C GLY A 7 0.86 -4.39 5.98
N GLY A 8 0.52 -3.18 5.64
CA GLY A 8 -0.16 -2.27 6.62
C GLY A 8 0.43 -0.87 6.53
N CYS A 9 -0.38 0.12 6.27
CA CYS A 9 0.14 1.52 6.15
C CYS A 9 -0.90 2.53 6.62
N SER A 10 -0.62 3.80 6.45
CA SER A 10 -1.57 4.86 6.88
C SER A 10 -1.70 5.92 5.78
N VAL A 11 -0.59 6.42 5.31
CA VAL A 11 -0.61 7.45 4.22
C VAL A 11 -0.22 6.81 2.89
N ASP A 12 -0.59 7.42 1.79
CA ASP A 12 -0.24 6.85 0.46
C ASP A 12 1.27 6.63 0.33
N SER A 13 2.06 7.49 0.93
CA SER A 13 3.54 7.35 0.85
C SER A 13 4.06 6.48 2.00
N ASP A 14 3.59 5.26 2.11
CA ASP A 14 4.05 4.37 3.22
C ASP A 14 4.43 2.98 2.68
N CYS A 15 4.51 2.81 1.37
CA CYS A 15 4.87 1.46 0.80
C CYS A 15 5.81 1.61 -0.39
N CYS A 16 6.13 0.52 -1.05
CA CYS A 16 7.05 0.59 -2.22
C CYS A 16 6.30 1.09 -3.47
N ALA A 17 6.92 1.03 -4.61
CA ALA A 17 6.26 1.49 -5.86
C ALA A 17 5.03 0.64 -6.19
N HIS A 18 4.06 1.22 -6.86
CA HIS A 18 2.81 0.47 -7.25
C HIS A 18 1.99 0.09 -6.01
N LEU A 19 2.32 0.62 -4.85
CA LEU A 19 1.53 0.28 -3.62
C LEU A 19 0.81 1.52 -3.08
N GLY A 20 -0.49 1.53 -3.13
CA GLY A 20 -1.26 2.71 -2.62
C GLY A 20 -1.99 2.32 -1.34
N CYS A 21 -1.82 3.07 -0.29
CA CYS A 21 -2.51 2.75 1.00
C CYS A 21 -4.02 2.99 0.87
N LYS A 22 -4.81 2.20 1.55
CA LYS A 22 -6.29 2.37 1.49
C LYS A 22 -6.74 3.59 2.32
N PRO A 23 -7.64 4.36 1.75
CA PRO A 23 -8.16 5.57 2.45
C PRO A 23 -9.08 5.17 3.61
N THR A 24 -10.06 4.34 3.35
CA THR A 24 -10.99 3.91 4.44
C THR A 24 -10.29 2.90 5.34
N LEU A 25 -9.60 1.94 4.77
CA LEU A 25 -8.89 0.92 5.58
C LEU A 25 -7.46 1.41 5.90
N LYS A 26 -6.52 0.52 6.09
CA LYS A 26 -5.12 0.96 6.39
C LYS A 26 -4.11 -0.07 5.85
N TYR A 27 -4.22 -0.41 4.59
CA TYR A 27 -3.26 -1.38 3.98
C TYR A 27 -2.96 -1.00 2.53
N CYS A 28 -1.77 -1.31 2.05
CA CYS A 28 -1.42 -0.95 0.64
C CYS A 28 -1.91 -2.02 -0.32
N ALA A 29 -2.27 -1.63 -1.52
CA ALA A 29 -2.76 -2.60 -2.52
C ALA A 29 -2.03 -2.41 -3.84
N TRP A 30 -1.24 -3.39 -4.25
CA TRP A 30 -0.48 -3.26 -5.53
C TRP A 30 -1.43 -2.93 -6.69
N ASP A 31 -1.25 -1.80 -7.31
CA ASP A 31 -2.14 -1.40 -8.44
C ASP A 31 -1.44 -1.64 -9.79
N GLY A 32 -1.11 -2.87 -10.09
CA GLY A 32 -0.44 -3.18 -11.39
C GLY A 32 -1.47 -3.75 -12.36
N THR A 33 -1.76 -5.03 -12.25
CA THR A 33 -2.77 -5.65 -13.16
C THR A 33 -4.18 -5.38 -12.63
N PHE A 34 -4.34 -5.29 -11.34
CA PHE A 34 -5.69 -5.02 -10.75
C PHE A 34 -5.61 -3.94 -9.67
N GLU A 1 12.52 0.02 4.76
CA GLU A 1 11.82 -1.05 3.99
C GLU A 1 10.40 -0.59 3.63
N CYS A 2 10.04 -0.69 2.38
CA CYS A 2 8.66 -0.28 1.95
C CYS A 2 7.63 -1.32 2.38
N ARG A 3 6.41 -0.91 2.59
CA ARG A 3 5.36 -1.89 3.00
C ARG A 3 4.91 -2.73 1.80
N LYS A 4 5.10 -4.02 1.86
CA LYS A 4 4.68 -4.90 0.74
C LYS A 4 3.15 -5.02 0.68
N MET A 5 2.64 -5.88 -0.16
CA MET A 5 1.15 -6.05 -0.26
C MET A 5 0.57 -6.42 1.11
N PHE A 6 -0.49 -5.76 1.52
CA PHE A 6 -1.12 -6.05 2.85
C PHE A 6 -0.09 -5.97 3.98
N GLY A 7 0.80 -5.00 3.91
CA GLY A 7 1.83 -4.85 4.98
C GLY A 7 1.30 -3.96 6.11
N GLY A 8 0.39 -3.06 5.80
CA GLY A 8 -0.17 -2.16 6.84
C GLY A 8 0.50 -0.78 6.72
N CYS A 9 -0.21 0.18 6.17
CA CYS A 9 0.39 1.53 6.00
C CYS A 9 -0.53 2.62 6.60
N SER A 10 -0.20 3.87 6.37
CA SER A 10 -1.04 4.98 6.90
C SER A 10 -1.36 5.99 5.78
N VAL A 11 -0.35 6.43 5.07
CA VAL A 11 -0.58 7.41 3.95
C VAL A 11 -0.28 6.75 2.61
N ASP A 12 -0.70 7.35 1.52
CA ASP A 12 -0.45 6.75 0.17
C ASP A 12 1.05 6.52 -0.05
N SER A 13 1.87 7.42 0.43
CA SER A 13 3.35 7.26 0.26
C SER A 13 3.94 6.47 1.45
N ASP A 14 3.35 5.33 1.76
CA ASP A 14 3.85 4.52 2.90
C ASP A 14 4.12 3.06 2.46
N CYS A 15 3.97 2.77 1.19
CA CYS A 15 4.23 1.36 0.71
C CYS A 15 5.27 1.37 -0.43
N CYS A 16 5.48 0.24 -1.06
CA CYS A 16 6.48 0.17 -2.18
C CYS A 16 5.87 0.72 -3.47
N ALA A 17 6.51 0.50 -4.58
CA ALA A 17 5.98 1.02 -5.88
C ALA A 17 4.65 0.36 -6.24
N HIS A 18 3.78 1.09 -6.92
CA HIS A 18 2.45 0.55 -7.33
C HIS A 18 1.63 0.10 -6.11
N LEU A 19 1.87 0.67 -4.96
CA LEU A 19 1.10 0.28 -3.74
C LEU A 19 0.43 1.51 -3.13
N GLY A 20 -0.88 1.59 -3.22
CA GLY A 20 -1.60 2.76 -2.64
C GLY A 20 -2.23 2.37 -1.30
N CYS A 21 -1.99 3.13 -0.27
CA CYS A 21 -2.58 2.80 1.07
C CYS A 21 -4.10 3.03 1.04
N LYS A 22 -4.86 2.01 1.32
CA LYS A 22 -6.36 2.17 1.31
C LYS A 22 -6.84 2.87 2.59
N PRO A 23 -8.03 3.43 2.51
CA PRO A 23 -8.61 4.14 3.68
C PRO A 23 -9.03 3.14 4.76
N THR A 24 -10.04 2.34 4.52
CA THR A 24 -10.46 1.33 5.53
C THR A 24 -9.39 0.24 5.63
N LEU A 25 -9.18 -0.31 6.81
CA LEU A 25 -8.14 -1.38 7.01
C LEU A 25 -6.73 -0.76 7.03
N LYS A 26 -6.44 0.18 6.15
CA LYS A 26 -5.09 0.83 6.11
C LYS A 26 -4.03 -0.17 5.65
N TYR A 27 -4.22 -0.75 4.49
CA TYR A 27 -3.23 -1.74 3.95
C TYR A 27 -2.81 -1.34 2.53
N CYS A 28 -1.60 -1.66 2.14
CA CYS A 28 -1.14 -1.29 0.76
C CYS A 28 -1.85 -2.13 -0.30
N ALA A 29 -2.30 -1.51 -1.35
CA ALA A 29 -3.00 -2.26 -2.43
C ALA A 29 -2.19 -2.19 -3.73
N TRP A 30 -1.64 -3.29 -4.17
CA TRP A 30 -0.84 -3.28 -5.43
C TRP A 30 -1.76 -3.03 -6.64
N ASP A 31 -1.48 -2.01 -7.41
CA ASP A 31 -2.33 -1.71 -8.59
C ASP A 31 -1.47 -1.43 -9.83
N GLY A 32 -0.55 -2.32 -10.13
CA GLY A 32 0.32 -2.13 -11.33
C GLY A 32 -0.38 -2.73 -12.54
N THR A 33 -0.65 -4.01 -12.49
CA THR A 33 -1.35 -4.69 -13.63
C THR A 33 -2.86 -4.83 -13.33
N PHE A 34 -3.31 -4.34 -12.20
CA PHE A 34 -4.76 -4.45 -11.85
C PHE A 34 -5.61 -3.64 -12.84
N GLU A 1 13.22 0.72 3.91
CA GLU A 1 12.35 -0.49 3.82
C GLU A 1 10.90 -0.07 3.53
N CYS A 2 10.42 -0.38 2.35
CA CYS A 2 9.02 -0.01 1.99
C CYS A 2 8.04 -1.11 2.41
N ARG A 3 6.76 -0.86 2.30
CA ARG A 3 5.75 -1.90 2.68
C ARG A 3 5.32 -2.72 1.47
N LYS A 4 4.97 -3.96 1.67
CA LYS A 4 4.54 -4.82 0.52
C LYS A 4 3.02 -4.99 0.51
N MET A 5 2.51 -5.83 -0.36
CA MET A 5 1.03 -6.06 -0.44
C MET A 5 0.52 -6.71 0.86
N PHE A 6 -0.68 -6.38 1.26
CA PHE A 6 -1.26 -6.96 2.52
C PHE A 6 -0.31 -6.73 3.71
N GLY A 7 0.24 -5.55 3.82
CA GLY A 7 1.17 -5.26 4.95
C GLY A 7 0.49 -4.34 5.96
N GLY A 8 0.73 -3.06 5.85
CA GLY A 8 0.09 -2.10 6.81
C GLY A 8 0.77 -0.74 6.69
N CYS A 9 0.01 0.31 6.57
CA CYS A 9 0.61 1.68 6.44
C CYS A 9 -0.33 2.73 7.07
N SER A 10 -0.03 4.00 6.87
CA SER A 10 -0.88 5.08 7.43
C SER A 10 -1.24 6.08 6.33
N VAL A 11 -0.26 6.66 5.70
CA VAL A 11 -0.54 7.63 4.60
C VAL A 11 -0.24 6.97 3.25
N ASP A 12 -0.73 7.52 2.17
CA ASP A 12 -0.47 6.93 0.83
C ASP A 12 1.03 6.75 0.58
N SER A 13 1.84 7.64 1.11
CA SER A 13 3.32 7.52 0.90
C SER A 13 3.95 6.68 2.02
N ASP A 14 3.44 5.50 2.26
CA ASP A 14 4.01 4.61 3.32
C ASP A 14 4.23 3.19 2.79
N CYS A 15 4.22 3.01 1.50
CA CYS A 15 4.43 1.64 0.92
C CYS A 15 5.45 1.70 -0.22
N CYS A 16 5.64 0.60 -0.92
CA CYS A 16 6.61 0.58 -2.05
C CYS A 16 5.95 1.15 -3.32
N ALA A 17 6.62 1.04 -4.45
CA ALA A 17 6.04 1.58 -5.71
C ALA A 17 4.74 0.83 -6.07
N HIS A 18 3.82 1.52 -6.71
CA HIS A 18 2.52 0.89 -7.11
C HIS A 18 1.75 0.39 -5.89
N LEU A 19 1.97 0.96 -4.74
CA LEU A 19 1.24 0.52 -3.51
C LEU A 19 0.65 1.73 -2.78
N GLY A 20 -0.65 1.90 -2.85
CA GLY A 20 -1.29 3.07 -2.18
C GLY A 20 -1.90 2.61 -0.85
N CYS A 21 -1.74 3.39 0.19
CA CYS A 21 -2.31 3.00 1.53
C CYS A 21 -3.84 3.12 1.49
N LYS A 22 -4.52 2.03 1.74
CA LYS A 22 -6.02 2.07 1.72
C LYS A 22 -6.57 2.79 2.97
N PRO A 23 -7.56 3.62 2.76
CA PRO A 23 -8.17 4.37 3.89
C PRO A 23 -9.11 3.48 4.72
N THR A 24 -9.47 2.32 4.21
CA THR A 24 -10.40 1.42 4.97
C THR A 24 -9.63 0.54 5.96
N LEU A 25 -8.72 -0.28 5.48
CA LEU A 25 -7.94 -1.17 6.40
C LEU A 25 -6.51 -0.63 6.64
N LYS A 26 -6.16 0.47 6.02
CA LYS A 26 -4.78 1.05 6.21
C LYS A 26 -3.72 0.06 5.75
N TYR A 27 -3.87 -0.47 4.56
CA TYR A 27 -2.87 -1.44 4.03
C TYR A 27 -2.45 -1.04 2.61
N CYS A 28 -1.27 -1.45 2.18
CA CYS A 28 -0.80 -1.07 0.81
C CYS A 28 -1.45 -1.97 -0.25
N ALA A 29 -1.96 -1.38 -1.30
CA ALA A 29 -2.62 -2.19 -2.38
C ALA A 29 -1.79 -2.11 -3.67
N TRP A 30 -1.31 -3.22 -4.15
CA TRP A 30 -0.50 -3.22 -5.40
C TRP A 30 -1.39 -2.86 -6.61
N ASP A 31 -1.08 -1.79 -7.29
CA ASP A 31 -1.90 -1.39 -8.47
C ASP A 31 -1.04 -1.45 -9.74
N GLY A 32 -0.60 -2.62 -10.11
CA GLY A 32 0.23 -2.76 -11.35
C GLY A 32 -0.03 -4.13 -12.00
N THR A 33 -1.21 -4.67 -11.82
CA THR A 33 -1.54 -6.00 -12.41
C THR A 33 -3.00 -6.03 -12.86
N PHE A 34 -3.89 -5.69 -11.96
CA PHE A 34 -5.36 -5.69 -12.30
C PHE A 34 -5.98 -4.31 -12.07
N GLU A 1 12.47 0.70 4.67
CA GLU A 1 11.80 -0.44 4.00
C GLU A 1 10.35 -0.08 3.65
N CYS A 2 10.02 -0.02 2.38
CA CYS A 2 8.63 0.33 1.97
C CYS A 2 7.70 -0.88 2.15
N ARG A 3 6.44 -0.64 2.39
CA ARG A 3 5.48 -1.76 2.59
C ARG A 3 4.99 -2.31 1.24
N LYS A 4 4.86 -3.61 1.12
CA LYS A 4 4.39 -4.22 -0.16
C LYS A 4 2.92 -4.63 -0.05
N MET A 5 2.45 -5.43 -0.97
CA MET A 5 1.03 -5.90 -0.95
C MET A 5 0.65 -6.40 0.45
N PHE A 6 -0.58 -6.22 0.85
CA PHE A 6 -1.04 -6.69 2.21
C PHE A 6 -0.10 -6.13 3.29
N GLY A 7 0.40 -4.93 3.11
CA GLY A 7 1.32 -4.34 4.11
C GLY A 7 0.57 -3.25 4.88
N GLY A 8 0.34 -3.45 6.16
CA GLY A 8 -0.38 -2.43 6.97
C GLY A 8 0.34 -1.08 6.91
N CYS A 9 -0.38 -0.02 6.68
CA CYS A 9 0.24 1.33 6.60
C CYS A 9 -0.76 2.42 7.01
N SER A 10 -0.42 3.66 6.85
CA SER A 10 -1.35 4.77 7.22
C SER A 10 -1.43 5.79 6.08
N VAL A 11 -0.30 6.32 5.67
CA VAL A 11 -0.30 7.32 4.55
C VAL A 11 0.03 6.62 3.23
N ASP A 12 -0.45 7.14 2.12
CA ASP A 12 -0.18 6.50 0.81
C ASP A 12 1.34 6.41 0.53
N SER A 13 2.13 7.25 1.15
CA SER A 13 3.61 7.21 0.91
C SER A 13 4.28 6.18 1.84
N ASP A 14 3.52 5.36 2.52
CA ASP A 14 4.12 4.34 3.43
C ASP A 14 4.41 3.03 2.66
N CYS A 15 3.94 2.92 1.45
CA CYS A 15 4.19 1.66 0.66
C CYS A 15 5.16 1.95 -0.51
N CYS A 16 5.56 0.91 -1.21
CA CYS A 16 6.48 1.12 -2.37
C CYS A 16 5.68 1.55 -3.61
N ALA A 17 6.31 1.59 -4.76
CA ALA A 17 5.59 2.00 -6.00
C ALA A 17 4.45 1.01 -6.30
N HIS A 18 3.46 1.46 -7.04
CA HIS A 18 2.29 0.57 -7.39
C HIS A 18 1.52 0.16 -6.13
N LEU A 19 1.75 0.80 -5.01
CA LEU A 19 1.02 0.44 -3.76
C LEU A 19 0.43 1.70 -3.12
N GLY A 20 -0.88 1.77 -3.01
CA GLY A 20 -1.53 2.96 -2.39
C GLY A 20 -2.14 2.55 -1.05
N CYS A 21 -1.70 3.14 0.03
CA CYS A 21 -2.26 2.78 1.37
C CYS A 21 -3.75 3.11 1.42
N LYS A 22 -4.58 2.12 1.60
CA LYS A 22 -6.05 2.36 1.66
C LYS A 22 -6.44 3.01 3.00
N PRO A 23 -7.26 4.03 2.92
CA PRO A 23 -7.70 4.74 4.15
C PRO A 23 -8.75 3.91 4.92
N THR A 24 -9.42 2.99 4.25
CA THR A 24 -10.46 2.16 4.92
C THR A 24 -9.80 1.03 5.73
N LEU A 25 -9.10 0.13 5.08
CA LEU A 25 -8.44 -1.00 5.81
C LEU A 25 -7.06 -0.59 6.33
N LYS A 26 -6.50 0.49 5.82
CA LYS A 26 -5.14 0.95 6.26
C LYS A 26 -4.07 -0.06 5.83
N TYR A 27 -4.03 -0.38 4.56
CA TYR A 27 -3.00 -1.35 4.06
C TYR A 27 -2.62 -1.02 2.61
N CYS A 28 -1.44 -1.41 2.19
CA CYS A 28 -1.00 -1.11 0.79
C CYS A 28 -1.69 -2.05 -0.20
N ALA A 29 -2.17 -1.51 -1.29
CA ALA A 29 -2.86 -2.37 -2.30
C ALA A 29 -2.14 -2.26 -3.66
N TRP A 30 -1.60 -3.35 -4.13
CA TRP A 30 -0.90 -3.32 -5.45
C TRP A 30 -1.91 -3.14 -6.58
N ASP A 31 -1.96 -1.97 -7.17
CA ASP A 31 -2.93 -1.73 -8.27
C ASP A 31 -2.19 -1.61 -9.62
N GLY A 32 -1.48 -2.65 -10.01
CA GLY A 32 -0.75 -2.62 -11.30
C GLY A 32 -0.98 -3.93 -12.06
N THR A 33 -0.73 -5.04 -11.43
CA THR A 33 -0.95 -6.36 -12.11
C THR A 33 -2.45 -6.64 -12.25
N PHE A 34 -3.25 -6.18 -11.33
CA PHE A 34 -4.73 -6.42 -11.42
C PHE A 34 -5.36 -5.43 -12.39
N GLU A 1 13.22 -1.31 4.51
CA GLU A 1 12.43 -1.97 3.43
C GLU A 1 11.03 -1.35 3.33
N CYS A 2 10.52 -1.20 2.14
CA CYS A 2 9.16 -0.60 1.96
C CYS A 2 8.07 -1.67 2.20
N ARG A 3 6.84 -1.26 2.36
CA ARG A 3 5.74 -2.25 2.60
C ARG A 3 5.36 -2.94 1.29
N LYS A 4 4.82 -4.13 1.37
CA LYS A 4 4.42 -4.87 0.13
C LYS A 4 2.90 -5.02 0.05
N MET A 5 2.42 -5.84 -0.85
CA MET A 5 0.94 -6.03 -1.01
C MET A 5 0.29 -6.47 0.32
N PHE A 6 -0.74 -5.78 0.73
CA PHE A 6 -1.45 -6.13 2.01
C PHE A 6 -0.45 -6.25 3.17
N GLY A 7 0.18 -5.16 3.53
CA GLY A 7 1.17 -5.20 4.65
C GLY A 7 0.69 -4.32 5.80
N GLY A 8 0.63 -3.03 5.58
CA GLY A 8 0.17 -2.09 6.65
C GLY A 8 0.77 -0.70 6.40
N CYS A 9 -0.06 0.31 6.33
CA CYS A 9 0.46 1.69 6.08
C CYS A 9 -0.49 2.75 6.63
N SER A 10 -0.22 4.00 6.33
CA SER A 10 -1.10 5.10 6.81
C SER A 10 -1.25 6.17 5.71
N VAL A 11 -0.15 6.58 5.13
CA VAL A 11 -0.21 7.60 4.04
C VAL A 11 -0.11 6.92 2.67
N ASP A 12 -0.45 7.62 1.61
CA ASP A 12 -0.38 7.01 0.25
C ASP A 12 1.06 6.64 -0.12
N SER A 13 2.00 7.50 0.20
CA SER A 13 3.44 7.20 -0.12
C SER A 13 4.12 6.47 1.05
N ASP A 14 3.48 5.46 1.59
CA ASP A 14 4.09 4.70 2.73
C ASP A 14 4.50 3.29 2.28
N CYS A 15 4.42 3.00 0.99
CA CYS A 15 4.80 1.64 0.49
C CYS A 15 5.61 1.76 -0.80
N CYS A 16 6.05 0.65 -1.34
CA CYS A 16 6.84 0.70 -2.61
C CYS A 16 5.93 1.05 -3.79
N ALA A 17 6.44 1.00 -4.99
CA ALA A 17 5.61 1.34 -6.18
C ALA A 17 4.42 0.38 -6.31
N HIS A 18 3.36 0.82 -6.95
CA HIS A 18 2.14 -0.03 -7.13
C HIS A 18 1.51 -0.41 -5.77
N LEU A 19 1.56 0.48 -4.81
CA LEU A 19 0.95 0.19 -3.47
C LEU A 19 0.20 1.42 -2.95
N GLY A 20 -1.10 1.32 -2.75
CA GLY A 20 -1.89 2.48 -2.25
C GLY A 20 -2.53 2.13 -0.91
N CYS A 21 -2.30 2.93 0.10
CA CYS A 21 -2.89 2.65 1.45
C CYS A 21 -4.42 2.73 1.38
N LYS A 22 -5.10 1.85 2.09
CA LYS A 22 -6.60 1.85 2.08
C LYS A 22 -7.15 2.88 3.08
N PRO A 23 -8.25 3.51 2.70
CA PRO A 23 -8.88 4.53 3.57
C PRO A 23 -9.61 3.85 4.75
N THR A 24 -10.54 2.97 4.47
CA THR A 24 -11.28 2.28 5.57
C THR A 24 -10.34 1.35 6.34
N LEU A 25 -9.50 0.63 5.63
CA LEU A 25 -8.54 -0.29 6.32
C LEU A 25 -7.21 0.44 6.58
N LYS A 26 -6.13 -0.27 6.75
CA LYS A 26 -4.82 0.41 7.01
C LYS A 26 -3.66 -0.38 6.39
N TYR A 27 -3.78 -0.74 5.13
CA TYR A 27 -2.68 -1.49 4.45
C TYR A 27 -2.61 -1.08 2.97
N CYS A 28 -1.47 -1.27 2.34
CA CYS A 28 -1.36 -0.89 0.90
C CYS A 28 -1.90 -1.98 0.00
N ALA A 29 -2.78 -1.63 -0.91
CA ALA A 29 -3.36 -2.65 -1.84
C ALA A 29 -2.57 -2.64 -3.15
N TRP A 30 -1.71 -3.60 -3.35
CA TRP A 30 -0.89 -3.65 -4.61
C TRP A 30 -1.79 -3.58 -5.84
N ASP A 31 -1.58 -2.60 -6.67
CA ASP A 31 -2.41 -2.47 -7.91
C ASP A 31 -1.65 -1.69 -8.99
N GLY A 32 -0.65 -2.31 -9.58
CA GLY A 32 0.13 -1.61 -10.64
C GLY A 32 -0.69 -1.61 -11.94
N THR A 33 -0.88 -2.76 -12.53
CA THR A 33 -1.69 -2.85 -13.79
C THR A 33 -2.99 -3.64 -13.53
N PHE A 34 -3.08 -4.35 -12.43
CA PHE A 34 -4.31 -5.14 -12.13
C PHE A 34 -4.62 -5.09 -10.62
#